data_1JW1
#
_entry.id   1JW1
#
_cell.length_a   104.600
_cell.length_b   153.800
_cell.length_c   155.050
_cell.angle_alpha   90.00
_cell.angle_beta   90.00
_cell.angle_gamma   90.00
#
_symmetry.space_group_name_H-M   'P 21 21 21'
#
loop_
_entity.id
_entity.type
_entity.pdbx_description
1 polymer LACTOFERRIN
2 non-polymer 'FE (III) ION'
#
_entity_poly.entity_id   1
_entity_poly.type   'polypeptide(L)'
_entity_poly.pdbx_seq_one_letter_code
;APRKNVRWCAISLPEWSKCYQWQRRMRKLGAPSITCVRRTSVLECIRAIAGKNADAVTLDDGMVFEAGRDPYKLRPVAAE
IYGTEKSPQTHYYAVAVVKKGSNFKLDQLQGQKSCHMGLGRSAGWNIPVGILRPPLSWTESAEPLQGAVARFFSASCVPC
VDGKAYPNLCQLCKGVGENKCACSSQEPYFGYSGAFKCLQDGAGDVAFVKETTVFENLPEKADRDQYELLCLNNTRAPVD
AFKECHLAQVPSHAVVARSVDGKENLIWELLRKAQEKFGKNKSQRFQLFGSPEGRRDLLFKDSALGFLRIPSKVDSALYL
GSRYLTALKNLRETAEEVKARCTRVVWCAVGPEEQSKCQQWSEQSGQNVTCATASTTDDCIALVLKGEADALSLDGGYIY
TAGKCGLVPVMAENRKSSKHSSLDCVLRPTEGYLAVAVVKKANEGLTWNSLKGKKSCHTAVDRTAGWNIPMGLIANQTGS
CAFDEFFSQSCAPGADPKSSLCALCAGDDQGLDKCVPNSKEKYYGYTGAFRCLAEDVGDVAFVKNDTVWENTNGESSADW
AKNLNREDFRLLCLDGTTKPVTEAQSCYLAVAPNHAVVSRSDRAAHVEQVLLHQQALFGKNGKNCPDKFCLFKSETKNLL
FNDNTECLAKLGGRPTYEKYLGTEYVTAIANLKKCSTSPLLEACAFLTR
;
_entity_poly.pdbx_strand_id   A
#
loop_
_chem_comp.id
_chem_comp.type
_chem_comp.name
_chem_comp.formula
FE non-polymer 'FE (III) ION' 'Fe 3'
#
# COMPACT_ATOMS: atom_id res chain seq x y z
N ALA A 1 -11.58 25.76 -22.45
CA ALA A 1 -10.27 25.44 -21.79
C ALA A 1 -9.46 24.43 -22.58
N PRO A 2 -8.11 24.59 -22.61
CA PRO A 2 -7.22 23.66 -23.34
C PRO A 2 -7.22 22.31 -22.62
N ARG A 3 -8.20 22.17 -21.73
CA ARG A 3 -8.41 21.01 -20.88
C ARG A 3 -9.89 20.55 -20.81
N LYS A 4 -10.79 21.15 -21.59
CA LYS A 4 -12.19 20.70 -21.57
C LYS A 4 -12.55 19.68 -22.68
N ASN A 5 -11.63 18.74 -22.87
CA ASN A 5 -11.70 17.65 -23.85
C ASN A 5 -10.70 16.50 -23.49
N VAL A 6 -11.20 15.26 -23.37
CA VAL A 6 -10.35 14.09 -23.01
C VAL A 6 -9.78 13.47 -24.26
N ARG A 7 -8.46 13.50 -24.39
CA ARG A 7 -7.84 12.87 -25.55
C ARG A 7 -7.61 11.42 -25.21
N TRP A 8 -8.48 10.54 -25.74
CA TRP A 8 -8.29 9.12 -25.49
C TRP A 8 -7.31 8.58 -26.52
N CYS A 9 -6.59 7.53 -26.16
CA CYS A 9 -5.60 6.96 -27.06
C CYS A 9 -6.11 5.73 -27.75
N ALA A 10 -6.12 5.77 -29.07
CA ALA A 10 -6.63 4.65 -29.82
C ALA A 10 -5.52 3.82 -30.50
N ILE A 11 -5.47 2.50 -30.27
CA ILE A 11 -4.44 1.64 -30.94
C ILE A 11 -5.02 0.61 -32.01
N SER A 12 -5.42 1.13 -33.16
CA SER A 12 -6.02 0.31 -34.15
C SER A 12 -6.26 1.34 -35.24
N LEU A 13 -7.52 1.19 -35.60
CA LEU A 13 -8.54 1.92 -36.41
C LEU A 13 -9.93 1.55 -35.89
N PRO A 14 -10.19 0.28 -35.51
CA PRO A 14 -11.55 -0.06 -35.02
C PRO A 14 -11.80 0.22 -33.54
N GLU A 15 -10.72 0.58 -32.84
CA GLU A 15 -10.74 0.95 -31.43
C GLU A 15 -10.68 2.47 -31.45
N TRP A 16 -10.16 2.97 -32.57
CA TRP A 16 -10.00 4.39 -32.85
C TRP A 16 -11.30 4.88 -33.49
N SER A 17 -11.98 3.93 -34.15
CA SER A 17 -13.27 4.14 -34.81
C SER A 17 -14.45 3.78 -33.89
N LYS A 18 -14.18 3.16 -32.73
CA LYS A 18 -15.25 2.88 -31.76
C LYS A 18 -15.26 4.17 -30.97
N CYS A 19 -14.05 4.74 -30.90
CA CYS A 19 -13.73 5.99 -30.22
C CYS A 19 -14.38 7.20 -30.93
N TYR A 20 -14.89 6.98 -32.13
CA TYR A 20 -15.57 8.02 -32.90
C TYR A 20 -17.06 7.66 -32.99
N GLN A 21 -17.35 6.40 -32.65
CA GLN A 21 -18.74 5.90 -32.58
C GLN A 21 -19.16 6.43 -31.17
N TRP A 22 -18.11 6.76 -30.40
CA TRP A 22 -18.15 7.31 -29.04
C TRP A 22 -17.97 8.87 -28.97
N GLN A 23 -17.16 9.52 -29.81
CA GLN A 23 -16.97 11.00 -29.75
C GLN A 23 -18.22 11.83 -30.12
N ARG A 24 -19.08 11.24 -30.96
CA ARG A 24 -20.35 11.80 -31.46
C ARG A 24 -21.51 11.77 -30.44
N ARG A 25 -21.82 10.55 -30.02
CA ARG A 25 -22.88 10.29 -29.05
C ARG A 25 -22.67 11.00 -27.70
N MET A 26 -21.45 11.46 -27.42
CA MET A 26 -21.18 12.12 -26.12
C MET A 26 -21.50 13.59 -25.87
N ARG A 27 -20.65 14.55 -26.30
CA ARG A 27 -20.94 15.99 -26.05
C ARG A 27 -22.35 16.45 -26.53
N LYS A 28 -23.00 15.58 -27.31
CA LYS A 28 -24.36 15.83 -27.82
C LYS A 28 -25.35 15.58 -26.63
N LEU A 29 -24.99 14.53 -25.89
CA LEU A 29 -25.64 14.03 -24.70
C LEU A 29 -25.16 14.94 -23.55
N GLY A 30 -24.12 15.74 -23.82
CA GLY A 30 -23.57 16.71 -22.87
C GLY A 30 -22.46 16.39 -21.88
N ALA A 31 -21.20 16.60 -22.28
CA ALA A 31 -20.06 16.32 -21.40
C ALA A 31 -18.76 16.63 -22.13
N PRO A 32 -17.61 16.79 -21.39
CA PRO A 32 -16.33 17.09 -22.07
C PRO A 32 -16.10 16.34 -23.39
N SER A 33 -16.39 17.03 -24.49
CA SER A 33 -16.25 16.48 -25.83
C SER A 33 -14.94 15.71 -25.90
N ILE A 34 -15.09 14.40 -26.08
CA ILE A 34 -13.96 13.45 -26.17
C ILE A 34 -13.11 13.59 -27.43
N THR A 35 -11.81 13.74 -27.24
CA THR A 35 -10.89 13.80 -28.35
C THR A 35 -10.50 12.33 -28.48
N CYS A 36 -10.30 11.84 -29.70
CA CYS A 36 -9.85 10.48 -29.80
C CYS A 36 -8.51 10.55 -30.55
N VAL A 37 -7.50 9.89 -29.98
CA VAL A 37 -6.13 9.87 -30.50
C VAL A 37 -5.66 8.59 -31.25
N ARG A 38 -4.89 8.85 -32.31
CA ARG A 38 -4.29 7.85 -33.18
C ARG A 38 -2.93 7.41 -32.60
N ARG A 39 -2.67 6.08 -32.52
CA ARG A 39 -1.41 5.45 -31.98
C ARG A 39 -1.15 3.96 -32.41
N THR A 40 -0.38 3.16 -31.61
CA THR A 40 -0.07 1.71 -31.92
C THR A 40 0.35 0.67 -30.80
N SER A 41 1.66 0.55 -30.53
CA SER A 41 2.17 -0.41 -29.54
C SER A 41 1.56 -0.10 -28.18
N VAL A 42 1.63 -1.02 -27.23
CA VAL A 42 1.01 -0.76 -25.94
C VAL A 42 1.52 0.51 -25.21
N LEU A 43 2.78 0.86 -25.46
CA LEU A 43 3.37 2.03 -24.82
C LEU A 43 3.38 3.25 -25.72
N GLU A 44 3.13 3.10 -27.02
CA GLU A 44 3.14 4.30 -27.81
C GLU A 44 1.98 5.17 -27.34
N CYS A 45 1.25 4.65 -26.35
CA CYS A 45 0.12 5.35 -25.73
C CYS A 45 0.30 5.53 -24.18
N ILE A 46 1.19 4.73 -23.59
CA ILE A 46 1.51 4.81 -22.15
C ILE A 46 2.55 5.94 -22.08
N ARG A 47 3.07 6.25 -23.26
CA ARG A 47 4.07 7.27 -23.41
C ARG A 47 3.43 8.59 -23.79
N ALA A 48 2.40 8.51 -24.64
CA ALA A 48 1.65 9.68 -25.16
C ALA A 48 0.72 10.36 -24.16
N ILE A 49 0.71 9.83 -22.93
CA ILE A 49 -0.01 10.40 -21.79
C ILE A 49 1.14 11.15 -21.07
N ALA A 50 2.30 10.47 -20.94
CA ALA A 50 3.55 10.94 -20.30
C ALA A 50 4.21 12.13 -20.99
N GLY A 51 3.75 12.40 -22.23
CA GLY A 51 4.24 13.50 -23.07
C GLY A 51 3.25 14.64 -23.33
N LYS A 52 2.01 14.44 -22.85
CA LYS A 52 0.82 15.36 -22.88
C LYS A 52 0.01 15.66 -24.20
N ASN A 53 -0.12 14.66 -25.08
CA ASN A 53 -0.82 14.77 -26.38
C ASN A 53 -2.02 13.77 -26.51
N ALA A 54 -1.98 12.76 -25.64
CA ALA A 54 -2.99 11.71 -25.52
C ALA A 54 -3.32 11.66 -24.02
N ASP A 55 -4.52 12.10 -23.65
CA ASP A 55 -4.92 12.21 -22.23
C ASP A 55 -5.55 11.10 -21.36
N ALA A 56 -5.76 9.87 -21.85
CA ALA A 56 -6.31 8.78 -21.02
C ALA A 56 -5.89 7.45 -21.64
N VAL A 57 -6.28 6.33 -21.05
CA VAL A 57 -5.97 5.00 -21.60
C VAL A 57 -6.19 3.83 -20.63
N THR A 58 -6.86 2.79 -21.13
CA THR A 58 -7.26 1.55 -20.42
C THR A 58 -6.29 0.35 -20.60
N LEU A 59 -5.67 -0.12 -19.52
CA LEU A 59 -4.64 -1.20 -19.58
C LEU A 59 -4.91 -2.40 -18.70
N ASP A 60 -4.06 -3.41 -18.89
CA ASP A 60 -4.01 -4.60 -18.05
C ASP A 60 -2.99 -4.12 -17.03
N ASP A 61 -2.93 -4.80 -15.90
CA ASP A 61 -2.03 -4.44 -14.81
C ASP A 61 -0.56 -4.82 -14.93
N GLY A 62 -0.29 -5.95 -15.55
CA GLY A 62 1.08 -6.33 -15.76
C GLY A 62 1.73 -5.18 -16.49
N MET A 63 0.94 -4.39 -17.24
CA MET A 63 1.39 -3.22 -18.02
C MET A 63 1.28 -1.87 -17.31
N VAL A 64 0.43 -1.82 -16.27
CA VAL A 64 0.20 -0.60 -15.47
C VAL A 64 1.25 -0.50 -14.37
N PHE A 65 1.97 -1.61 -14.16
CA PHE A 65 3.07 -1.70 -13.20
C PHE A 65 4.28 -1.17 -13.94
N GLU A 66 4.12 -1.14 -15.26
CA GLU A 66 5.14 -0.72 -16.20
C GLU A 66 5.02 0.74 -16.57
N ALA A 67 3.79 1.18 -16.80
CA ALA A 67 3.50 2.57 -17.14
C ALA A 67 3.68 3.41 -15.91
N GLY A 68 4.11 2.76 -14.85
CA GLY A 68 4.32 3.43 -13.58
C GLY A 68 5.66 3.19 -12.91
N ARG A 69 6.73 3.12 -13.70
CA ARG A 69 8.05 2.98 -13.13
C ARG A 69 8.38 4.48 -13.03
N ASP A 70 9.65 4.83 -13.09
CA ASP A 70 9.94 6.24 -13.05
C ASP A 70 10.20 6.87 -14.43
N PRO A 71 10.27 6.05 -15.52
CA PRO A 71 10.51 6.71 -16.81
C PRO A 71 9.30 7.56 -17.23
N TYR A 72 8.09 6.99 -17.16
CA TYR A 72 6.87 7.73 -17.54
C TYR A 72 6.23 8.42 -16.33
N LYS A 73 5.53 7.69 -15.46
CA LYS A 73 4.84 8.24 -14.26
C LYS A 73 3.30 8.51 -14.47
N LEU A 74 2.54 7.41 -14.44
CA LEU A 74 1.09 7.42 -14.65
C LEU A 74 0.34 6.61 -13.56
N ARG A 75 -0.64 7.25 -12.89
CA ARG A 75 -1.44 6.53 -11.88
C ARG A 75 -2.77 6.03 -12.50
N PRO A 76 -3.22 4.81 -12.12
CA PRO A 76 -4.48 4.35 -12.72
C PRO A 76 -5.55 5.14 -12.02
N VAL A 77 -6.52 5.64 -12.78
CA VAL A 77 -7.59 6.42 -12.19
C VAL A 77 -8.88 5.60 -11.96
N ALA A 78 -9.16 4.66 -12.88
CA ALA A 78 -10.39 3.84 -12.83
C ALA A 78 -10.29 2.30 -13.02
N ALA A 79 -10.34 1.52 -11.92
CA ALA A 79 -10.26 0.04 -11.99
C ALA A 79 -11.39 -0.46 -12.87
N GLU A 80 -11.17 -1.47 -13.71
CA GLU A 80 -12.23 -1.98 -14.58
C GLU A 80 -12.98 -3.04 -13.81
N ILE A 81 -14.33 -3.04 -13.88
CA ILE A 81 -15.19 -3.99 -13.12
C ILE A 81 -15.64 -5.27 -13.82
N TYR A 82 -15.59 -6.42 -13.14
CA TYR A 82 -15.95 -7.70 -13.78
C TYR A 82 -17.19 -8.51 -13.32
N GLY A 83 -17.45 -9.58 -14.07
CA GLY A 83 -18.55 -10.48 -13.78
C GLY A 83 -19.93 -10.12 -14.27
N THR A 84 -20.91 -10.50 -13.45
CA THR A 84 -22.34 -10.28 -13.70
C THR A 84 -22.88 -9.48 -12.50
N GLU A 85 -24.13 -9.03 -12.57
CA GLU A 85 -24.76 -8.18 -11.53
C GLU A 85 -24.85 -8.53 -10.04
N LYS A 86 -25.59 -9.58 -9.66
CA LYS A 86 -25.61 -9.89 -8.21
C LYS A 86 -24.17 -10.02 -7.68
N SER A 87 -23.21 -10.15 -8.60
CA SER A 87 -21.77 -10.28 -8.29
C SER A 87 -20.77 -9.52 -9.21
N PRO A 88 -20.52 -8.19 -8.99
CA PRO A 88 -19.55 -7.58 -9.91
C PRO A 88 -18.13 -7.71 -9.27
N GLN A 89 -17.26 -8.53 -9.91
CA GLN A 89 -15.87 -8.75 -9.46
C GLN A 89 -14.85 -7.79 -10.09
N THR A 90 -14.36 -6.90 -9.23
CA THR A 90 -13.42 -5.82 -9.56
C THR A 90 -11.94 -6.22 -9.75
N HIS A 91 -11.66 -7.50 -9.55
CA HIS A 91 -10.34 -8.06 -9.75
C HIS A 91 -10.55 -9.14 -10.77
N TYR A 92 -9.63 -10.06 -10.87
CA TYR A 92 -9.80 -11.11 -11.84
C TYR A 92 -8.96 -12.34 -11.60
N TYR A 93 -8.88 -13.24 -12.59
CA TYR A 93 -8.13 -14.51 -12.48
C TYR A 93 -7.09 -14.78 -13.61
N ALA A 94 -6.47 -15.96 -13.64
CA ALA A 94 -5.50 -16.22 -14.69
C ALA A 94 -5.22 -17.70 -14.80
N VAL A 95 -6.06 -18.42 -15.54
CA VAL A 95 -5.92 -19.89 -15.71
C VAL A 95 -5.10 -20.42 -16.94
N ALA A 96 -5.28 -21.69 -17.35
CA ALA A 96 -4.54 -22.27 -18.51
C ALA A 96 -5.36 -23.22 -19.38
N VAL A 97 -6.57 -22.74 -19.66
CA VAL A 97 -7.66 -23.33 -20.46
C VAL A 97 -7.34 -24.29 -21.67
N VAL A 98 -6.86 -25.49 -21.34
CA VAL A 98 -6.47 -26.49 -22.33
C VAL A 98 -7.53 -27.48 -22.85
N LYS A 99 -7.33 -27.94 -24.10
CA LYS A 99 -8.19 -28.87 -24.89
C LYS A 99 -8.33 -30.35 -24.42
N LYS A 100 -9.56 -30.77 -24.10
CA LYS A 100 -9.87 -32.16 -23.66
C LYS A 100 -9.16 -33.14 -24.60
N GLY A 101 -8.00 -33.65 -24.17
CA GLY A 101 -7.19 -34.56 -24.97
C GLY A 101 -5.68 -34.41 -24.77
N SER A 102 -5.21 -33.17 -24.60
CA SER A 102 -3.79 -32.92 -24.35
C SER A 102 -3.66 -33.34 -22.89
N ASN A 103 -2.89 -34.40 -22.64
CA ASN A 103 -2.73 -34.99 -21.28
C ASN A 103 -1.71 -34.39 -20.26
N PHE A 104 -0.98 -33.35 -20.66
CA PHE A 104 -0.05 -32.75 -19.73
C PHE A 104 -0.79 -32.05 -18.59
N LYS A 105 -0.06 -31.65 -17.57
CA LYS A 105 -0.62 -30.95 -16.43
C LYS A 105 0.30 -29.73 -16.31
N LEU A 106 0.10 -28.82 -15.37
CA LEU A 106 0.96 -27.63 -15.32
C LEU A 106 2.48 -27.88 -15.16
N ASP A 107 2.80 -28.96 -14.46
CA ASP A 107 4.19 -29.37 -14.21
C ASP A 107 4.72 -29.99 -15.49
N GLN A 108 3.94 -29.93 -16.55
CA GLN A 108 4.36 -30.52 -17.80
C GLN A 108 4.27 -29.54 -18.95
N LEU A 109 4.32 -28.25 -18.65
CA LEU A 109 4.27 -27.25 -19.69
C LEU A 109 5.67 -27.05 -20.24
N GLN A 110 6.53 -28.04 -19.96
CA GLN A 110 7.93 -28.07 -20.39
C GLN A 110 8.11 -28.65 -21.79
N GLY A 111 8.63 -27.83 -22.71
CA GLY A 111 8.82 -28.31 -24.07
C GLY A 111 7.68 -28.16 -25.09
N GLN A 112 6.42 -28.24 -24.64
CA GLN A 112 5.25 -28.10 -25.53
C GLN A 112 5.18 -26.65 -26.04
N LYS A 113 4.22 -26.38 -26.89
CA LYS A 113 4.10 -25.05 -27.41
C LYS A 113 3.42 -24.15 -26.36
N SER A 114 2.81 -23.05 -26.78
CA SER A 114 2.11 -22.17 -25.85
C SER A 114 1.31 -21.10 -26.51
N CYS A 115 0.69 -20.29 -25.68
CA CYS A 115 -0.15 -19.22 -26.18
C CYS A 115 -0.44 -18.16 -25.14
N HIS A 116 0.34 -17.10 -25.22
CA HIS A 116 0.15 -16.01 -24.32
C HIS A 116 -0.64 -14.99 -25.01
N MET A 117 -1.38 -14.26 -24.19
CA MET A 117 -2.13 -13.17 -24.70
C MET A 117 -0.98 -12.32 -25.09
N GLY A 118 -0.29 -11.85 -24.04
CA GLY A 118 0.84 -10.95 -24.18
C GLY A 118 2.06 -11.07 -23.29
N LEU A 119 2.96 -10.15 -23.61
CA LEU A 119 4.20 -10.03 -22.92
C LEU A 119 3.94 -8.83 -22.04
N GLY A 120 4.05 -9.08 -20.74
CA GLY A 120 3.83 -8.04 -19.75
C GLY A 120 2.47 -8.15 -19.10
N ARG A 121 1.53 -8.77 -19.78
CA ARG A 121 0.23 -8.92 -19.23
C ARG A 121 0.21 -9.99 -18.16
N SER A 122 -0.46 -9.64 -17.08
CA SER A 122 -0.58 -10.45 -15.88
C SER A 122 -0.99 -11.88 -16.07
N ALA A 123 -2.26 -12.06 -16.43
CA ALA A 123 -2.84 -13.38 -16.64
C ALA A 123 -1.97 -14.28 -17.54
N GLY A 124 -1.14 -13.68 -18.38
CA GLY A 124 -0.29 -14.42 -19.30
C GLY A 124 1.19 -14.09 -19.35
N TRP A 125 1.74 -13.86 -18.16
CA TRP A 125 3.18 -13.58 -17.94
C TRP A 125 3.53 -13.05 -16.56
N ASN A 126 2.73 -12.16 -16.01
CA ASN A 126 3.09 -11.72 -14.69
C ASN A 126 2.61 -12.84 -13.81
N ILE A 127 1.44 -13.36 -14.14
CA ILE A 127 0.86 -14.45 -13.35
C ILE A 127 1.51 -15.87 -13.48
N PRO A 128 1.39 -16.53 -14.66
CA PRO A 128 1.86 -17.87 -15.04
C PRO A 128 3.30 -18.37 -15.38
N VAL A 129 4.32 -17.52 -15.53
CA VAL A 129 5.70 -18.00 -15.81
C VAL A 129 6.57 -18.10 -14.53
N GLY A 130 6.00 -17.66 -13.41
CA GLY A 130 6.62 -17.78 -12.10
C GLY A 130 5.94 -18.96 -11.40
N ILE A 131 4.80 -19.37 -11.96
CA ILE A 131 3.92 -20.52 -11.54
C ILE A 131 4.60 -21.81 -12.05
N LEU A 132 5.36 -21.60 -13.15
CA LEU A 132 6.15 -22.56 -13.92
C LEU A 132 7.62 -22.29 -13.68
N ARG A 133 7.99 -21.03 -13.43
CA ARG A 133 9.38 -20.59 -13.19
C ARG A 133 10.45 -21.61 -12.76
N PRO A 134 10.13 -22.48 -11.75
CA PRO A 134 11.10 -23.48 -11.30
C PRO A 134 11.85 -24.33 -12.39
N PRO A 135 11.13 -24.97 -13.37
CA PRO A 135 11.96 -25.72 -14.33
C PRO A 135 12.52 -24.88 -15.48
N LEU A 136 12.21 -23.59 -15.52
CA LEU A 136 12.72 -22.68 -16.53
C LEU A 136 14.21 -22.84 -16.57
N SER A 137 14.75 -23.09 -15.37
CA SER A 137 16.18 -23.23 -15.09
C SER A 137 16.97 -22.25 -15.93
N TRP A 138 16.30 -21.13 -16.21
CA TRP A 138 16.81 -19.97 -16.96
C TRP A 138 17.89 -19.38 -16.07
N THR A 139 19.03 -18.96 -16.66
CA THR A 139 20.14 -18.34 -15.87
C THR A 139 20.06 -16.77 -16.00
N GLU A 140 20.09 -15.96 -14.92
CA GLU A 140 20.04 -14.51 -15.17
C GLU A 140 21.45 -14.06 -15.35
N SER A 141 22.34 -14.68 -14.57
CA SER A 141 23.76 -14.38 -14.66
C SER A 141 24.35 -14.97 -15.99
N ALA A 142 23.70 -14.65 -17.13
CA ALA A 142 24.09 -15.10 -18.48
C ALA A 142 23.03 -14.69 -19.52
N GLU A 143 21.86 -15.34 -19.39
CA GLU A 143 20.67 -15.17 -20.23
C GLU A 143 19.47 -14.41 -19.58
N PRO A 144 18.41 -14.12 -20.37
CA PRO A 144 17.23 -13.43 -19.83
C PRO A 144 16.07 -14.41 -19.77
N LEU A 145 14.94 -13.96 -19.25
CA LEU A 145 13.75 -14.79 -19.12
C LEU A 145 13.05 -15.15 -20.45
N GLN A 146 12.68 -14.12 -21.22
CA GLN A 146 12.05 -14.28 -22.52
C GLN A 146 13.05 -15.10 -23.32
N GLY A 147 14.23 -15.34 -22.73
CA GLY A 147 15.30 -16.10 -23.35
C GLY A 147 15.29 -17.55 -22.95
N ALA A 148 15.06 -17.83 -21.66
CA ALA A 148 14.98 -19.20 -21.20
C ALA A 148 13.55 -19.65 -20.91
N VAL A 149 12.61 -19.04 -21.66
CA VAL A 149 11.16 -19.33 -21.71
C VAL A 149 10.97 -19.56 -23.25
N ALA A 150 12.06 -19.98 -23.87
CA ALA A 150 12.16 -20.32 -25.30
C ALA A 150 12.71 -21.77 -25.33
N ARG A 151 13.59 -22.06 -24.35
CA ARG A 151 14.28 -23.35 -24.09
C ARG A 151 13.31 -24.37 -23.51
N PHE A 152 12.33 -23.83 -22.79
CA PHE A 152 11.22 -24.50 -22.13
C PHE A 152 10.21 -24.86 -23.25
N PHE A 153 9.53 -23.85 -23.82
CA PHE A 153 8.54 -24.01 -24.91
C PHE A 153 9.12 -24.20 -26.31
N SER A 154 8.89 -25.38 -26.88
CA SER A 154 9.39 -25.70 -28.21
C SER A 154 8.71 -24.84 -29.23
N ALA A 155 7.65 -24.14 -28.85
CA ALA A 155 6.98 -23.26 -29.79
C ALA A 155 5.87 -22.46 -29.15
N SER A 156 6.00 -21.14 -29.08
CA SER A 156 4.95 -20.32 -28.46
C SER A 156 4.68 -18.98 -29.18
N CYS A 157 3.64 -18.25 -28.76
CA CYS A 157 3.33 -16.95 -29.37
C CYS A 157 2.94 -15.83 -28.41
N VAL A 158 3.93 -15.29 -27.70
CA VAL A 158 3.76 -14.18 -26.78
C VAL A 158 4.05 -12.96 -27.65
N PRO A 159 3.13 -12.00 -27.72
CA PRO A 159 3.32 -10.80 -28.53
C PRO A 159 4.18 -9.79 -27.83
N CYS A 160 4.65 -8.80 -28.57
CA CYS A 160 5.54 -7.76 -28.04
C CYS A 160 7.06 -8.14 -27.89
N VAL A 161 7.42 -9.44 -27.75
CA VAL A 161 8.87 -9.88 -27.65
C VAL A 161 9.47 -9.62 -29.04
N ASP A 162 10.79 -9.58 -29.17
CA ASP A 162 11.38 -9.32 -30.50
C ASP A 162 11.28 -10.49 -31.50
N GLY A 163 10.63 -10.25 -32.62
CA GLY A 163 10.52 -11.30 -33.61
C GLY A 163 11.91 -11.76 -34.02
N LYS A 164 12.93 -10.90 -33.87
CA LYS A 164 14.39 -11.11 -34.23
C LYS A 164 15.31 -11.89 -33.31
N ALA A 165 15.14 -11.71 -32.00
CA ALA A 165 15.95 -12.42 -31.01
C ALA A 165 15.22 -13.62 -30.41
N TYR A 166 13.87 -13.61 -30.50
CA TYR A 166 13.01 -14.69 -30.01
C TYR A 166 12.05 -15.35 -31.02
N PRO A 167 12.60 -16.00 -32.05
CA PRO A 167 11.86 -16.68 -33.11
C PRO A 167 10.91 -17.75 -32.58
N ASN A 168 11.44 -18.73 -31.85
CA ASN A 168 10.65 -19.79 -31.25
C ASN A 168 9.52 -19.02 -30.58
N LEU A 169 9.89 -17.87 -29.98
CA LEU A 169 8.97 -16.96 -29.27
C LEU A 169 8.25 -15.92 -30.14
N CYS A 170 7.77 -16.36 -31.30
CA CYS A 170 7.00 -15.60 -32.28
C CYS A 170 6.93 -16.55 -33.44
N GLN A 171 6.37 -17.72 -33.15
CA GLN A 171 6.21 -18.81 -34.10
C GLN A 171 4.79 -19.26 -34.39
N LEU A 172 3.97 -19.39 -33.34
CA LEU A 172 2.56 -19.77 -33.52
C LEU A 172 1.77 -18.45 -33.60
N CYS A 173 2.30 -17.47 -34.35
CA CYS A 173 1.69 -16.14 -34.50
C CYS A 173 1.11 -15.84 -35.89
N LYS A 174 -0.17 -15.49 -35.93
CA LYS A 174 -0.93 -15.21 -37.13
C LYS A 174 -1.14 -13.74 -37.56
N GLY A 175 -0.24 -12.83 -37.24
CA GLY A 175 -0.42 -11.43 -37.66
C GLY A 175 0.06 -11.12 -39.07
N VAL A 176 -0.33 -9.97 -39.61
CA VAL A 176 0.05 -9.61 -40.98
C VAL A 176 1.53 -9.14 -41.25
N GLY A 177 2.42 -10.05 -41.67
CA GLY A 177 3.83 -9.73 -41.98
C GLY A 177 4.78 -9.07 -40.96
N GLU A 178 4.78 -7.73 -40.91
CA GLU A 178 5.59 -6.97 -39.94
C GLU A 178 4.76 -6.88 -38.65
N ASN A 179 3.47 -7.10 -38.82
CA ASN A 179 2.52 -7.07 -37.73
C ASN A 179 2.60 -8.44 -37.00
N LYS A 180 3.49 -9.34 -37.47
CA LYS A 180 3.63 -10.68 -36.88
C LYS A 180 4.33 -10.82 -35.52
N CYS A 181 3.49 -11.15 -34.54
CA CYS A 181 3.84 -11.33 -33.14
C CYS A 181 4.08 -9.98 -32.49
N ALA A 182 3.56 -8.91 -33.11
CA ALA A 182 3.70 -7.52 -32.66
C ALA A 182 2.85 -7.10 -31.45
N CYS A 183 3.24 -6.01 -30.81
CA CYS A 183 2.55 -5.49 -29.62
C CYS A 183 1.14 -4.92 -29.87
N SER A 184 0.29 -5.67 -30.53
CA SER A 184 -1.06 -5.19 -30.76
C SER A 184 -1.90 -6.31 -31.30
N SER A 185 -3.19 -6.04 -31.35
CA SER A 185 -4.17 -6.96 -31.86
C SER A 185 -3.90 -7.23 -33.34
N GLN A 186 -2.77 -6.72 -33.85
CA GLN A 186 -2.36 -6.92 -35.25
C GLN A 186 -1.79 -8.33 -35.36
N GLU A 187 -1.63 -8.90 -34.17
CA GLU A 187 -1.22 -10.29 -34.04
C GLU A 187 -2.58 -10.85 -33.59
N PRO A 188 -3.25 -11.62 -34.49
CA PRO A 188 -4.56 -12.25 -34.25
C PRO A 188 -4.50 -13.09 -32.97
N TYR A 189 -3.29 -13.52 -32.62
CA TYR A 189 -3.05 -14.23 -31.39
C TYR A 189 -2.32 -13.25 -30.41
N PHE A 190 -3.08 -12.36 -29.76
CA PHE A 190 -2.57 -11.36 -28.77
C PHE A 190 -3.72 -11.04 -27.82
N GLY A 191 -3.80 -11.74 -26.70
CA GLY A 191 -4.88 -11.47 -25.77
C GLY A 191 -5.65 -12.73 -25.44
N TYR A 192 -6.65 -12.60 -24.57
CA TYR A 192 -7.47 -13.74 -24.21
C TYR A 192 -8.31 -14.17 -25.43
N SER A 193 -8.38 -13.28 -26.43
CA SER A 193 -9.12 -13.47 -27.70
C SER A 193 -8.12 -13.55 -28.86
N GLY A 194 -6.92 -14.03 -28.54
CA GLY A 194 -5.82 -14.21 -29.47
C GLY A 194 -5.07 -15.42 -28.98
N ALA A 195 -5.05 -15.61 -27.66
CA ALA A 195 -4.39 -16.75 -27.02
C ALA A 195 -5.33 -17.93 -26.78
N PHE A 196 -6.65 -17.66 -26.73
CA PHE A 196 -7.71 -18.67 -26.58
C PHE A 196 -7.76 -19.32 -27.95
N LYS A 197 -7.90 -18.43 -28.93
CA LYS A 197 -7.96 -18.72 -30.36
C LYS A 197 -6.67 -19.46 -30.79
N CYS A 198 -5.64 -19.29 -29.99
CA CYS A 198 -4.35 -19.88 -30.25
C CYS A 198 -4.43 -21.42 -30.08
N LEU A 199 -5.45 -21.87 -29.37
CA LEU A 199 -5.64 -23.30 -29.10
C LEU A 199 -6.86 -23.96 -29.70
N GLN A 200 -7.94 -23.20 -29.81
CA GLN A 200 -9.23 -23.65 -30.40
C GLN A 200 -9.03 -24.26 -31.82
N ASP A 201 -7.87 -23.97 -32.43
CA ASP A 201 -7.50 -24.45 -33.75
C ASP A 201 -6.45 -25.59 -33.60
N GLY A 202 -5.66 -25.52 -32.55
CA GLY A 202 -4.64 -26.52 -32.29
C GLY A 202 -3.19 -26.05 -32.43
N ALA A 203 -2.99 -24.93 -33.15
CA ALA A 203 -1.68 -24.36 -33.34
C ALA A 203 -1.02 -24.30 -31.98
N GLY A 204 -1.40 -23.31 -31.17
CA GLY A 204 -0.86 -23.13 -29.83
C GLY A 204 -1.59 -23.94 -28.77
N ASP A 205 -0.83 -24.63 -27.91
CA ASP A 205 -1.38 -25.52 -26.86
C ASP A 205 -2.04 -24.93 -25.57
N VAL A 206 -1.29 -24.78 -24.49
CA VAL A 206 -1.86 -24.18 -23.29
C VAL A 206 -2.19 -22.80 -23.70
N ALA A 207 -3.27 -22.29 -23.20
CA ALA A 207 -3.60 -20.94 -23.50
C ALA A 207 -3.67 -20.35 -22.11
N PHE A 208 -2.84 -19.36 -21.86
CA PHE A 208 -2.89 -18.72 -20.56
C PHE A 208 -3.72 -17.44 -20.75
N VAL A 209 -5.00 -17.56 -20.40
CA VAL A 209 -5.98 -16.48 -20.47
C VAL A 209 -6.82 -16.50 -19.16
N LYS A 210 -7.64 -15.48 -18.89
CA LYS A 210 -8.39 -15.50 -17.64
C LYS A 210 -9.31 -16.69 -17.44
N GLU A 211 -10.45 -16.47 -16.81
CA GLU A 211 -11.41 -17.55 -16.55
C GLU A 211 -12.61 -17.58 -17.49
N THR A 212 -13.00 -16.39 -17.89
CA THR A 212 -14.09 -16.27 -18.80
C THR A 212 -13.65 -15.55 -20.06
N THR A 213 -13.13 -16.35 -20.97
CA THR A 213 -12.75 -15.86 -22.28
C THR A 213 -13.06 -17.00 -23.25
N VAL A 214 -13.21 -18.16 -22.62
CA VAL A 214 -13.61 -19.36 -23.29
C VAL A 214 -15.04 -18.93 -23.64
N PHE A 215 -15.78 -18.65 -22.56
CA PHE A 215 -17.18 -18.19 -22.56
C PHE A 215 -17.53 -17.28 -23.76
N GLU A 216 -16.79 -16.17 -23.93
CA GLU A 216 -17.01 -15.16 -24.98
C GLU A 216 -16.87 -15.59 -26.44
N ASN A 217 -15.92 -16.49 -26.70
CA ASN A 217 -15.69 -16.95 -28.06
C ASN A 217 -16.48 -18.21 -28.32
N LEU A 218 -16.66 -18.99 -27.26
CA LEU A 218 -17.39 -20.24 -27.30
C LEU A 218 -18.77 -20.14 -26.66
N PRO A 219 -19.74 -19.49 -27.34
CA PRO A 219 -21.08 -19.39 -26.73
C PRO A 219 -21.62 -20.74 -26.27
N GLU A 220 -21.67 -21.70 -27.18
CA GLU A 220 -22.22 -23.01 -26.86
C GLU A 220 -21.58 -23.78 -25.75
N LYS A 221 -22.47 -24.22 -24.87
CA LYS A 221 -22.14 -25.00 -23.69
C LYS A 221 -21.69 -26.39 -24.13
N ALA A 222 -22.21 -26.85 -25.26
CA ALA A 222 -21.83 -28.13 -25.82
C ALA A 222 -20.64 -27.75 -26.68
N ASP A 223 -19.82 -26.83 -26.14
CA ASP A 223 -18.59 -26.31 -26.74
C ASP A 223 -17.50 -25.97 -25.69
N ARG A 224 -17.90 -25.79 -24.44
CA ARG A 224 -17.01 -25.49 -23.28
C ARG A 224 -16.48 -26.84 -22.76
N ASP A 225 -16.91 -27.87 -23.48
CA ASP A 225 -16.62 -29.28 -23.24
C ASP A 225 -15.19 -29.64 -23.55
N GLN A 226 -14.80 -29.51 -24.82
CA GLN A 226 -13.46 -29.85 -25.32
C GLN A 226 -12.26 -29.14 -24.68
N TYR A 227 -12.42 -28.65 -23.46
CA TYR A 227 -11.36 -27.92 -22.74
C TYR A 227 -11.18 -28.18 -21.21
N GLU A 228 -10.53 -29.30 -20.87
CA GLU A 228 -10.26 -29.61 -19.48
C GLU A 228 -9.17 -28.66 -19.19
N LEU A 229 -9.29 -27.89 -18.15
CA LEU A 229 -8.24 -26.96 -17.86
C LEU A 229 -6.98 -27.59 -17.33
N LEU A 230 -6.25 -26.75 -16.60
CA LEU A 230 -5.01 -27.06 -15.91
C LEU A 230 -5.10 -26.21 -14.63
N CYS A 231 -4.99 -26.85 -13.48
CA CYS A 231 -5.01 -26.13 -12.21
C CYS A 231 -3.61 -25.98 -11.59
N LEU A 232 -3.56 -25.44 -10.39
CA LEU A 232 -2.29 -25.31 -9.72
C LEU A 232 -1.81 -26.70 -9.37
N ASN A 233 -2.68 -27.52 -8.77
CA ASN A 233 -2.28 -28.88 -8.40
C ASN A 233 -2.11 -29.91 -9.50
N ASN A 234 -1.57 -29.47 -10.64
CA ASN A 234 -1.30 -30.32 -11.81
C ASN A 234 -2.44 -31.05 -12.43
N THR A 235 -3.64 -30.48 -12.32
CA THR A 235 -4.81 -31.13 -12.88
C THR A 235 -5.62 -30.39 -13.95
N ARG A 236 -6.84 -30.86 -14.19
CA ARG A 236 -7.69 -30.34 -15.24
C ARG A 236 -9.18 -30.24 -14.84
N ALA A 237 -9.83 -29.12 -15.21
CA ALA A 237 -11.26 -28.89 -14.89
C ALA A 237 -11.99 -28.10 -16.00
N PRO A 238 -13.35 -28.11 -16.00
CA PRO A 238 -14.09 -27.37 -17.03
C PRO A 238 -13.91 -25.89 -16.95
N VAL A 239 -14.19 -25.20 -18.05
CA VAL A 239 -14.06 -23.73 -18.13
C VAL A 239 -14.91 -22.99 -17.09
N ASP A 240 -15.68 -23.76 -16.33
CA ASP A 240 -16.50 -23.22 -15.28
C ASP A 240 -15.86 -23.47 -13.90
N ALA A 241 -14.73 -24.15 -13.93
CA ALA A 241 -13.98 -24.44 -12.72
C ALA A 241 -12.86 -23.42 -12.62
N PHE A 242 -12.97 -22.38 -13.43
CA PHE A 242 -12.03 -21.29 -13.50
C PHE A 242 -11.50 -20.95 -12.10
N LYS A 243 -12.42 -21.07 -11.16
CA LYS A 243 -12.27 -20.80 -9.75
C LYS A 243 -11.20 -21.59 -9.04
N GLU A 244 -11.24 -22.91 -9.13
CA GLU A 244 -10.22 -23.70 -8.45
C GLU A 244 -9.04 -24.02 -9.34
N CYS A 245 -9.08 -23.52 -10.56
CA CYS A 245 -7.99 -23.71 -11.47
C CYS A 245 -7.30 -22.37 -11.60
N HIS A 246 -7.60 -21.47 -10.70
CA HIS A 246 -6.95 -20.21 -10.81
C HIS A 246 -5.51 -20.49 -10.51
N LEU A 247 -4.71 -19.46 -10.65
CA LEU A 247 -3.28 -19.48 -10.37
C LEU A 247 -3.06 -18.33 -9.36
N ALA A 248 -3.99 -17.38 -9.38
CA ALA A 248 -3.99 -16.25 -8.48
C ALA A 248 -4.99 -15.15 -8.87
N GLN A 249 -5.34 -14.32 -7.89
CA GLN A 249 -6.26 -13.17 -7.99
C GLN A 249 -5.46 -11.89 -8.33
N VAL A 250 -5.75 -11.27 -9.47
CA VAL A 250 -5.07 -10.05 -9.90
C VAL A 250 -6.06 -8.92 -10.12
N PRO A 251 -5.70 -7.68 -9.78
CA PRO A 251 -6.73 -6.69 -10.07
C PRO A 251 -6.94 -6.66 -11.61
N SER A 252 -8.13 -6.28 -12.07
CA SER A 252 -8.43 -6.22 -13.51
C SER A 252 -7.67 -5.16 -14.23
N HIS A 253 -8.12 -4.78 -15.40
CA HIS A 253 -7.44 -3.72 -16.13
C HIS A 253 -7.83 -2.34 -15.60
N ALA A 254 -6.92 -1.38 -15.68
CA ALA A 254 -7.16 -0.02 -15.18
C ALA A 254 -7.00 1.02 -16.29
N VAL A 255 -7.22 2.29 -15.95
CA VAL A 255 -7.08 3.41 -16.90
C VAL A 255 -5.93 4.29 -16.35
N VAL A 256 -5.00 4.72 -17.20
CA VAL A 256 -3.81 5.49 -16.82
C VAL A 256 -3.59 7.03 -17.09
N ALA A 257 -4.13 7.91 -16.25
CA ALA A 257 -3.93 9.38 -16.41
C ALA A 257 -2.72 9.84 -15.54
N ARG A 258 -1.72 10.53 -16.14
CA ARG A 258 -0.45 10.97 -15.48
C ARG A 258 -0.51 11.12 -13.99
N SER A 259 0.64 11.02 -13.32
CA SER A 259 0.69 11.17 -11.86
C SER A 259 0.00 12.49 -11.43
N VAL A 260 0.48 13.57 -12.05
CA VAL A 260 0.00 14.93 -11.80
C VAL A 260 -0.14 15.65 -13.19
N ASP A 261 -1.31 16.27 -13.43
CA ASP A 261 -1.64 17.03 -14.67
C ASP A 261 -2.35 16.39 -15.90
N GLY A 262 -2.89 15.18 -15.73
CA GLY A 262 -3.57 14.49 -16.80
C GLY A 262 -5.07 14.66 -16.76
N LYS A 263 -5.49 15.65 -15.95
CA LYS A 263 -6.89 16.03 -15.70
C LYS A 263 -7.66 14.76 -15.35
N GLU A 264 -7.36 14.27 -14.15
CA GLU A 264 -7.89 13.04 -13.55
C GLU A 264 -9.42 12.98 -13.35
N ASN A 265 -10.04 14.13 -13.10
CA ASN A 265 -11.47 14.16 -12.91
C ASN A 265 -12.29 14.62 -14.14
N LEU A 266 -11.64 14.76 -15.30
CA LEU A 266 -12.36 15.07 -16.54
C LEU A 266 -12.45 13.68 -17.15
N ILE A 267 -11.36 12.95 -16.95
CA ILE A 267 -11.21 11.57 -17.38
C ILE A 267 -12.27 10.72 -16.73
N TRP A 268 -12.53 11.01 -15.47
CA TRP A 268 -13.55 10.26 -14.83
C TRP A 268 -14.90 10.85 -15.20
N GLU A 269 -15.00 12.15 -15.34
CA GLU A 269 -16.30 12.69 -15.63
C GLU A 269 -16.95 12.16 -16.88
N LEU A 270 -16.14 11.81 -17.87
CA LEU A 270 -16.66 11.24 -19.11
C LEU A 270 -17.27 9.92 -18.73
N LEU A 271 -16.71 9.31 -17.70
CA LEU A 271 -17.19 8.04 -17.21
C LEU A 271 -18.29 8.16 -16.12
N ARG A 272 -18.68 9.37 -15.66
CA ARG A 272 -19.82 9.45 -14.70
C ARG A 272 -20.79 8.85 -15.69
N LYS A 273 -20.70 9.56 -16.82
CA LYS A 273 -21.42 9.51 -18.10
C LYS A 273 -21.38 8.31 -19.06
N ALA A 274 -20.36 7.46 -19.00
CA ALA A 274 -20.34 6.33 -19.90
C ALA A 274 -21.08 5.13 -19.30
N GLN A 275 -20.73 4.74 -18.07
CA GLN A 275 -21.32 3.58 -17.34
C GLN A 275 -22.87 3.50 -17.27
N GLU A 276 -23.49 4.67 -17.28
CA GLU A 276 -24.94 4.81 -17.22
C GLU A 276 -25.53 4.84 -18.65
N LYS A 277 -25.34 5.98 -19.33
CA LYS A 277 -25.84 6.25 -20.69
C LYS A 277 -25.76 5.09 -21.68
N PHE A 278 -24.53 4.60 -21.86
CA PHE A 278 -24.22 3.50 -22.75
C PHE A 278 -23.73 2.34 -21.91
N GLY A 279 -24.21 2.27 -20.67
CA GLY A 279 -23.80 1.20 -19.78
C GLY A 279 -24.15 -0.16 -20.35
N LYS A 280 -23.67 -1.24 -19.73
CA LYS A 280 -24.02 -2.56 -20.26
C LYS A 280 -25.50 -2.74 -19.96
N ASN A 281 -26.25 -3.13 -20.99
CA ASN A 281 -27.69 -3.36 -20.93
C ASN A 281 -28.60 -2.10 -21.06
N LYS A 282 -28.09 -0.99 -21.59
CA LYS A 282 -28.92 0.23 -21.73
C LYS A 282 -29.17 0.73 -23.16
N SER A 283 -28.36 1.69 -23.60
CA SER A 283 -28.45 2.32 -24.93
C SER A 283 -27.47 1.69 -25.99
N GLN A 284 -27.99 0.82 -26.89
CA GLN A 284 -27.14 0.11 -27.88
C GLN A 284 -27.16 0.03 -29.43
N ARG A 285 -26.49 0.98 -30.07
CA ARG A 285 -26.16 0.95 -31.51
C ARG A 285 -24.71 1.40 -31.34
N PHE A 286 -24.27 1.37 -30.07
CA PHE A 286 -22.93 1.63 -29.54
C PHE A 286 -22.85 1.27 -28.06
N GLN A 287 -22.26 0.13 -27.74
CA GLN A 287 -22.08 -0.16 -26.33
C GLN A 287 -20.72 0.46 -25.97
N LEU A 288 -20.43 0.60 -24.67
CA LEU A 288 -19.17 1.19 -24.24
C LEU A 288 -18.01 0.24 -24.30
N PHE A 289 -18.29 -1.03 -24.11
CA PHE A 289 -17.26 -2.05 -24.09
C PHE A 289 -17.40 -3.04 -25.24
N GLY A 290 -17.52 -2.56 -26.45
CA GLY A 290 -17.71 -3.49 -27.53
C GLY A 290 -17.51 -3.13 -29.00
N SER A 291 -16.69 -3.97 -29.63
CA SER A 291 -16.34 -3.89 -31.04
C SER A 291 -17.10 -4.95 -31.80
N PRO A 292 -17.49 -4.62 -33.06
CA PRO A 292 -18.24 -5.50 -33.95
C PRO A 292 -17.60 -6.86 -34.12
N GLU A 293 -18.33 -7.69 -34.86
CA GLU A 293 -17.94 -9.06 -35.19
C GLU A 293 -16.54 -9.17 -35.84
N GLY A 294 -15.66 -10.01 -35.28
CA GLY A 294 -14.34 -10.20 -35.88
C GLY A 294 -13.15 -9.46 -35.27
N ARG A 295 -13.46 -8.60 -34.31
CA ARG A 295 -12.50 -7.81 -33.56
C ARG A 295 -12.85 -8.04 -32.14
N ARG A 296 -11.84 -8.16 -31.32
CA ARG A 296 -12.12 -8.39 -29.96
C ARG A 296 -11.62 -7.27 -29.06
N ASP A 297 -12.43 -7.08 -28.02
CA ASP A 297 -12.27 -6.15 -26.88
C ASP A 297 -11.69 -4.74 -27.09
N LEU A 298 -12.00 -4.11 -28.22
CA LEU A 298 -11.45 -2.79 -28.44
C LEU A 298 -11.88 -1.77 -27.38
N LEU A 299 -10.96 -0.87 -27.05
CA LEU A 299 -11.12 0.19 -26.04
C LEU A 299 -11.23 -0.42 -24.64
N PHE A 300 -12.37 -1.05 -24.35
CA PHE A 300 -12.64 -1.70 -23.06
C PHE A 300 -13.03 -3.16 -23.37
N LYS A 301 -12.38 -4.12 -22.71
CA LYS A 301 -12.61 -5.57 -22.91
C LYS A 301 -14.05 -5.97 -23.09
N ASP A 302 -14.38 -6.56 -24.25
CA ASP A 302 -15.77 -6.97 -24.57
C ASP A 302 -16.44 -7.67 -23.42
N SER A 303 -17.69 -7.26 -23.18
CA SER A 303 -18.55 -7.83 -22.13
C SER A 303 -18.37 -7.32 -20.69
N ALA A 304 -17.32 -6.54 -20.46
CA ALA A 304 -17.03 -5.98 -19.12
C ALA A 304 -18.01 -4.85 -18.80
N LEU A 305 -18.57 -4.92 -17.59
CA LEU A 305 -19.55 -3.98 -17.04
C LEU A 305 -19.07 -2.52 -17.08
N GLY A 306 -17.77 -2.32 -16.75
CA GLY A 306 -17.15 -1.00 -16.72
C GLY A 306 -15.95 -0.66 -15.84
N PHE A 307 -15.95 0.60 -15.40
CA PHE A 307 -14.91 1.26 -14.57
C PHE A 307 -15.29 1.58 -13.14
N LEU A 308 -14.24 1.77 -12.32
CA LEU A 308 -14.32 2.09 -10.90
C LEU A 308 -13.49 3.33 -10.72
N ARG A 309 -13.50 3.91 -9.53
CA ARG A 309 -12.70 5.10 -9.28
C ARG A 309 -11.69 4.76 -8.19
N ILE A 310 -10.43 5.02 -8.50
CA ILE A 310 -9.32 4.74 -7.62
C ILE A 310 -8.86 6.05 -6.99
N PRO A 311 -8.79 6.09 -5.62
CA PRO A 311 -8.44 7.06 -4.57
C PRO A 311 -6.99 7.47 -4.55
N SER A 312 -6.67 8.39 -5.44
CA SER A 312 -5.34 8.97 -5.71
C SER A 312 -4.02 8.62 -4.99
N LYS A 313 -4.07 8.08 -3.78
CA LYS A 313 -2.82 7.71 -3.11
C LYS A 313 -2.38 6.30 -3.62
N VAL A 314 -3.30 5.61 -4.31
CA VAL A 314 -3.06 4.27 -4.86
C VAL A 314 -2.74 4.39 -6.36
N ASP A 315 -1.47 4.18 -6.70
CA ASP A 315 -1.04 4.30 -8.08
C ASP A 315 -0.62 2.98 -8.69
N SER A 316 0.41 3.08 -9.51
CA SER A 316 1.05 1.99 -10.25
C SER A 316 1.40 0.71 -9.46
N ALA A 317 2.49 0.77 -8.69
CA ALA A 317 2.94 -0.34 -7.87
C ALA A 317 1.85 -0.85 -6.92
N LEU A 318 1.05 0.11 -6.42
CA LEU A 318 -0.03 -0.08 -5.44
C LEU A 318 -1.31 -0.83 -5.75
N TYR A 319 -1.84 -0.68 -6.96
CA TYR A 319 -3.07 -1.34 -7.39
C TYR A 319 -2.87 -2.88 -7.64
N LEU A 320 -1.78 -3.28 -8.34
CA LEU A 320 -1.49 -4.69 -8.67
C LEU A 320 -1.49 -5.68 -7.52
N GLY A 321 -1.46 -5.16 -6.29
CA GLY A 321 -1.48 -6.00 -5.10
C GLY A 321 -0.10 -6.31 -4.57
N SER A 322 -0.02 -7.12 -3.52
CA SER A 322 1.27 -7.52 -2.97
C SER A 322 1.41 -9.01 -3.29
N ARG A 323 0.28 -9.71 -3.34
CA ARG A 323 0.27 -11.11 -3.71
C ARG A 323 0.75 -11.28 -5.17
N TYR A 324 0.46 -10.25 -5.97
CA TYR A 324 0.81 -10.13 -7.40
C TYR A 324 2.07 -9.27 -7.58
N LEU A 325 2.40 -8.44 -6.59
CA LEU A 325 3.63 -7.64 -6.65
C LEU A 325 4.75 -8.68 -6.43
N THR A 326 4.34 -9.94 -6.29
CA THR A 326 5.23 -11.10 -6.08
C THR A 326 5.40 -11.82 -7.44
N ALA A 327 4.56 -11.43 -8.39
CA ALA A 327 4.64 -11.95 -9.73
C ALA A 327 5.64 -11.02 -10.46
N LEU A 328 5.18 -9.81 -10.81
CA LEU A 328 5.99 -8.81 -11.53
C LEU A 328 7.43 -8.59 -11.09
N LYS A 329 7.72 -8.87 -9.82
CA LYS A 329 9.06 -8.69 -9.25
C LYS A 329 9.92 -9.94 -9.41
N ASN A 330 9.46 -11.04 -8.80
CA ASN A 330 10.07 -12.40 -8.80
C ASN A 330 11.12 -12.64 -9.91
N LEU A 331 10.62 -12.65 -11.14
CA LEU A 331 11.35 -12.90 -12.36
C LEU A 331 12.54 -11.98 -12.62
N ARG A 332 12.31 -10.67 -12.70
CA ARG A 332 13.41 -9.71 -12.91
C ARG A 332 14.32 -9.69 -11.68
N GLU A 333 14.02 -10.58 -10.74
CA GLU A 333 14.79 -10.73 -9.52
C GLU A 333 15.32 -12.15 -9.69
N THR A 334 16.64 -12.27 -9.70
CA THR A 334 17.38 -13.55 -9.82
C THR A 334 16.76 -14.61 -8.83
N ALA A 335 17.31 -15.83 -8.79
CA ALA A 335 16.80 -16.85 -7.87
C ALA A 335 17.52 -16.82 -6.52
N GLU A 336 18.75 -16.32 -6.50
CA GLU A 336 19.52 -16.20 -5.27
C GLU A 336 19.29 -14.78 -4.70
N GLU A 337 18.79 -13.89 -5.57
CA GLU A 337 18.47 -12.50 -5.22
C GLU A 337 17.05 -12.33 -4.64
N VAL A 338 16.25 -13.41 -4.63
CA VAL A 338 14.86 -13.38 -4.08
C VAL A 338 14.85 -13.76 -2.58
N LYS A 339 15.96 -14.33 -2.12
CA LYS A 339 16.12 -14.72 -0.74
C LYS A 339 16.96 -13.66 -0.06
N ALA A 340 17.64 -12.86 -0.89
CA ALA A 340 18.39 -11.74 -0.37
C ALA A 340 17.32 -10.85 0.35
N ARG A 341 16.12 -10.79 -0.23
CA ARG A 341 14.99 -10.01 0.34
C ARG A 341 13.89 -10.84 1.07
N CYS A 342 14.27 -12.00 1.66
CA CYS A 342 13.34 -12.85 2.46
C CYS A 342 13.95 -13.30 3.78
N THR A 343 15.25 -13.06 3.91
CA THR A 343 15.95 -13.34 5.15
C THR A 343 16.50 -11.96 5.56
N ARG A 344 15.79 -11.00 4.99
CA ARG A 344 15.99 -9.59 5.14
C ARG A 344 14.69 -8.90 5.56
N VAL A 345 14.84 -7.75 6.22
CA VAL A 345 13.77 -6.88 6.72
C VAL A 345 14.17 -5.48 6.31
N VAL A 346 13.20 -4.56 6.33
CA VAL A 346 13.43 -3.15 6.01
C VAL A 346 12.74 -2.22 7.07
N TRP A 347 13.54 -1.42 7.78
CA TRP A 347 12.99 -0.52 8.77
C TRP A 347 12.62 0.82 8.21
N CYS A 348 11.32 0.96 8.02
CA CYS A 348 10.71 2.18 7.60
C CYS A 348 11.17 3.26 8.61
N ALA A 349 12.31 3.91 8.35
CA ALA A 349 12.79 4.96 9.25
C ALA A 349 12.30 6.39 8.87
N VAL A 350 11.20 6.85 9.48
CA VAL A 350 10.56 8.18 9.22
C VAL A 350 11.39 9.51 9.49
N GLY A 351 12.14 9.98 8.47
CA GLY A 351 12.95 11.21 8.60
C GLY A 351 14.44 11.10 8.22
N PRO A 352 15.30 12.07 8.59
CA PRO A 352 16.74 12.03 8.29
C PRO A 352 17.49 11.73 9.59
N GLU A 353 16.70 11.62 10.65
CA GLU A 353 17.16 11.36 11.98
C GLU A 353 16.82 9.96 12.37
N GLU A 354 15.60 9.54 12.08
CA GLU A 354 15.19 8.17 12.40
C GLU A 354 15.85 7.26 11.36
N GLN A 355 16.31 7.91 10.28
CA GLN A 355 16.98 7.22 9.16
C GLN A 355 18.49 6.99 9.36
N SER A 356 19.19 7.97 9.94
CA SER A 356 20.62 7.80 10.19
C SER A 356 20.92 6.72 11.26
N LYS A 357 20.09 6.61 12.31
CA LYS A 357 20.26 5.59 13.35
C LYS A 357 20.05 4.17 12.78
N CYS A 358 19.23 4.11 11.73
CA CYS A 358 18.92 2.86 11.02
C CYS A 358 20.25 2.43 10.43
N GLN A 359 20.76 3.27 9.53
CA GLN A 359 22.01 3.06 8.79
C GLN A 359 23.31 2.81 9.61
N GLN A 360 23.16 2.58 10.91
CA GLN A 360 24.28 2.29 11.80
C GLN A 360 24.03 0.84 12.23
N TRP A 361 22.84 0.36 11.92
CA TRP A 361 22.33 -0.95 12.23
C TRP A 361 22.00 -1.68 10.90
N SER A 362 22.01 -0.94 9.79
CA SER A 362 21.80 -1.48 8.42
C SER A 362 23.02 -2.36 8.22
N GLU A 363 24.08 -1.99 8.93
CA GLU A 363 25.36 -2.71 8.93
C GLU A 363 25.81 -3.21 10.31
N GLN A 364 25.15 -2.78 11.41
CA GLN A 364 25.52 -3.31 12.73
C GLN A 364 24.92 -4.71 12.90
N SER A 365 24.14 -5.16 11.92
CA SER A 365 23.55 -6.52 11.90
C SER A 365 24.47 -7.39 11.04
N GLY A 366 25.11 -6.69 10.11
CA GLY A 366 25.97 -7.30 9.14
C GLY A 366 25.17 -7.24 7.83
N GLN A 367 24.22 -6.28 7.70
CA GLN A 367 23.28 -5.96 6.55
C GLN A 367 21.99 -6.80 6.31
N ASN A 368 21.39 -7.25 7.41
CA ASN A 368 20.19 -8.07 7.45
C ASN A 368 18.91 -7.28 7.58
N VAL A 369 19.05 -6.02 8.01
CA VAL A 369 17.97 -5.05 8.23
C VAL A 369 18.24 -3.73 7.49
N THR A 370 17.58 -3.47 6.36
CA THR A 370 17.80 -2.19 5.62
C THR A 370 16.69 -1.12 5.72
N CYS A 371 16.86 0.06 5.11
CA CYS A 371 15.81 1.07 5.32
C CYS A 371 14.74 1.40 4.23
N ALA A 372 13.57 1.91 4.68
CA ALA A 372 12.46 2.34 3.84
C ALA A 372 12.21 3.64 4.54
N THR A 373 12.76 4.72 4.01
CA THR A 373 12.69 6.04 4.65
C THR A 373 11.76 7.17 4.14
N ALA A 374 10.50 7.17 4.59
CA ALA A 374 9.55 8.23 4.24
C ALA A 374 9.68 9.41 5.27
N SER A 375 8.85 10.47 5.17
CA SER A 375 8.90 11.62 6.12
C SER A 375 7.58 11.94 6.84
N THR A 376 6.66 11.02 6.72
CA THR A 376 5.41 11.09 7.47
C THR A 376 5.53 9.69 8.00
N THR A 377 4.42 9.15 8.45
CA THR A 377 4.41 7.80 8.95
C THR A 377 3.06 7.29 8.49
N ASP A 378 2.41 8.11 7.69
CA ASP A 378 1.16 7.77 7.05
C ASP A 378 1.70 7.44 5.63
N ASP A 379 2.92 7.94 5.29
CA ASP A 379 3.53 7.64 4.00
C ASP A 379 4.14 6.26 4.20
N CYS A 380 4.82 6.08 5.34
CA CYS A 380 5.51 4.84 5.72
C CYS A 380 4.72 3.58 6.08
N ILE A 381 3.49 3.66 6.57
CA ILE A 381 2.78 2.40 6.84
C ILE A 381 2.26 1.91 5.52
N ALA A 382 2.25 2.84 4.57
CA ALA A 382 1.80 2.61 3.22
C ALA A 382 2.94 1.87 2.57
N LEU A 383 4.18 2.31 2.83
CA LEU A 383 5.33 1.64 2.26
C LEU A 383 5.48 0.24 2.84
N VAL A 384 4.85 -0.07 3.97
CA VAL A 384 4.93 -1.44 4.53
C VAL A 384 4.16 -2.39 3.57
N LEU A 385 3.16 -1.80 2.88
CA LEU A 385 2.22 -2.44 1.93
C LEU A 385 2.80 -2.89 0.60
N LYS A 386 3.42 -1.93 -0.11
CA LYS A 386 4.03 -2.07 -1.44
C LYS A 386 5.27 -2.93 -1.64
N GLY A 387 5.38 -4.01 -0.88
CA GLY A 387 6.52 -4.91 -1.01
C GLY A 387 7.78 -4.11 -0.94
N GLU A 388 7.74 -3.09 -0.05
CA GLU A 388 8.84 -2.14 0.17
C GLU A 388 9.47 -1.96 1.61
N ALA A 389 8.78 -2.49 2.62
CA ALA A 389 9.25 -2.46 4.01
C ALA A 389 8.53 -3.60 4.75
N ASP A 390 9.29 -4.37 5.52
CA ASP A 390 8.67 -5.43 6.27
C ASP A 390 7.65 -4.81 7.22
N ALA A 391 8.16 -4.01 8.20
CA ALA A 391 7.36 -3.36 9.23
C ALA A 391 7.90 -2.02 9.70
N LEU A 392 7.55 -1.75 10.98
CA LEU A 392 7.92 -0.58 11.82
C LEU A 392 7.12 -0.46 13.16
N SER A 393 7.70 0.17 14.18
CA SER A 393 7.06 0.36 15.49
C SER A 393 6.13 1.58 15.58
N LEU A 394 4.81 1.36 15.41
CA LEU A 394 3.74 2.41 15.47
C LEU A 394 3.11 2.37 16.85
N ASP A 395 2.62 3.53 17.23
CA ASP A 395 2.14 3.83 18.56
C ASP A 395 0.63 4.03 18.39
N GLY A 396 -0.15 3.15 19.02
CA GLY A 396 -1.63 3.10 18.93
C GLY A 396 -2.43 3.69 17.75
N GLY A 397 -2.67 5.00 17.84
CA GLY A 397 -3.42 5.68 16.82
C GLY A 397 -2.94 5.12 15.52
N TYR A 398 -1.63 5.16 15.30
CA TYR A 398 -1.03 4.72 14.05
C TYR A 398 -1.19 3.24 13.84
N ILE A 399 -1.61 2.50 14.86
CA ILE A 399 -1.85 1.07 14.66
C ILE A 399 -3.30 0.95 14.18
N TYR A 400 -4.01 2.06 14.22
CA TYR A 400 -5.39 2.10 13.75
C TYR A 400 -5.54 2.78 12.35
N THR A 401 -4.51 3.49 11.92
CA THR A 401 -4.52 4.06 10.59
C THR A 401 -3.73 3.01 9.78
N ALA A 402 -3.26 1.98 10.50
CA ALA A 402 -2.47 0.81 10.02
C ALA A 402 -3.09 -0.41 10.70
N GLY A 403 -4.42 -0.39 10.73
CA GLY A 403 -5.26 -1.43 11.32
C GLY A 403 -6.52 -1.57 10.45
N LYS A 404 -6.72 -0.56 9.62
CA LYS A 404 -7.78 -0.58 8.66
C LYS A 404 -6.99 -0.90 7.36
N CYS A 405 -5.66 -0.66 7.40
CA CYS A 405 -4.70 -0.89 6.27
C CYS A 405 -4.22 -2.33 6.17
N GLY A 406 -4.68 -3.19 7.08
CA GLY A 406 -4.31 -4.58 7.04
C GLY A 406 -3.19 -5.05 7.95
N LEU A 407 -2.48 -4.14 8.57
CA LEU A 407 -1.38 -4.53 9.44
C LEU A 407 -1.83 -5.19 10.81
N VAL A 408 -1.35 -6.42 11.10
CA VAL A 408 -1.66 -7.14 12.37
C VAL A 408 -0.45 -7.44 13.30
N PRO A 409 -0.43 -6.80 14.51
CA PRO A 409 0.57 -6.88 15.57
C PRO A 409 1.52 -8.11 15.76
N VAL A 410 2.84 -7.81 15.75
CA VAL A 410 3.99 -8.74 15.94
C VAL A 410 4.51 -8.59 17.39
N MET A 411 5.54 -7.74 17.59
CA MET A 411 6.11 -7.55 18.91
C MET A 411 5.84 -6.24 19.46
N ALA A 412 5.82 -6.22 20.78
CA ALA A 412 5.50 -5.04 21.55
C ALA A 412 6.66 -4.56 22.33
N GLU A 413 6.90 -3.27 22.21
CA GLU A 413 8.00 -2.64 22.89
C GLU A 413 7.86 -2.57 24.41
N ASN A 414 7.61 -3.73 25.01
CA ASN A 414 7.50 -3.79 26.45
C ASN A 414 8.77 -3.16 26.94
N ARG A 415 8.60 -2.05 27.63
CA ARG A 415 9.70 -1.31 28.22
C ARG A 415 10.08 -2.09 29.49
N LYS A 416 10.96 -1.52 30.31
CA LYS A 416 11.36 -2.17 31.56
C LYS A 416 10.26 -1.93 32.65
N SER A 417 10.03 -2.91 33.53
CA SER A 417 9.04 -2.74 34.61
C SER A 417 9.41 -3.44 35.92
N SER A 418 8.58 -3.19 36.94
CA SER A 418 8.78 -3.76 38.27
C SER A 418 7.75 -4.80 38.74
N LYS A 419 6.47 -4.56 38.44
CA LYS A 419 5.43 -5.49 38.85
C LYS A 419 5.66 -6.67 37.96
N HIS A 420 5.48 -7.86 38.48
CA HIS A 420 5.76 -9.00 37.65
C HIS A 420 7.19 -8.87 37.18
N SER A 421 8.01 -8.35 38.09
CA SER A 421 9.43 -8.18 37.84
C SER A 421 9.84 -9.60 37.49
N SER A 422 9.20 -10.49 38.24
CA SER A 422 9.31 -11.93 38.18
C SER A 422 9.84 -12.68 36.92
N LEU A 423 9.12 -12.57 35.81
CA LEU A 423 9.45 -13.27 34.54
C LEU A 423 10.75 -12.93 33.79
N ASP A 424 10.62 -12.97 32.48
CA ASP A 424 11.67 -12.63 31.54
C ASP A 424 11.01 -11.50 30.78
N CYS A 425 11.80 -10.54 30.33
CA CYS A 425 11.26 -9.41 29.61
C CYS A 425 10.40 -9.73 28.37
N VAL A 426 10.86 -10.66 27.55
CA VAL A 426 10.08 -11.03 26.36
C VAL A 426 8.79 -11.55 26.99
N LEU A 427 8.95 -12.70 27.63
CA LEU A 427 7.89 -13.43 28.31
C LEU A 427 7.23 -12.67 29.43
N ARG A 428 7.56 -11.39 29.53
CA ARG A 428 6.86 -10.58 30.47
C ARG A 428 5.94 -9.75 29.56
N PRO A 429 4.60 -9.79 29.82
CA PRO A 429 3.51 -9.10 29.11
C PRO A 429 3.30 -7.61 29.44
N THR A 430 2.71 -6.89 28.48
CA THR A 430 2.45 -5.44 28.51
C THR A 430 1.84 -4.74 29.70
N GLU A 431 2.71 -4.19 30.53
CA GLU A 431 2.32 -3.37 31.67
C GLU A 431 2.63 -1.97 31.12
N GLY A 432 1.67 -1.41 30.39
CA GLY A 432 1.85 -0.11 29.76
C GLY A 432 2.06 1.22 30.49
N TYR A 433 1.95 2.24 29.65
CA TYR A 433 2.09 3.62 30.04
C TYR A 433 0.75 4.29 30.32
N LEU A 434 0.80 5.21 31.28
CA LEU A 434 -0.39 5.94 31.70
C LEU A 434 -0.37 7.36 31.10
N ALA A 435 -1.14 7.52 30.01
CA ALA A 435 -1.32 8.78 29.27
C ALA A 435 -1.48 9.89 30.32
N VAL A 436 -1.02 11.11 30.04
CA VAL A 436 -1.16 12.21 31.03
C VAL A 436 -1.18 13.60 30.44
N ALA A 437 -1.55 14.56 31.26
CA ALA A 437 -1.62 15.97 30.85
C ALA A 437 -0.88 16.70 31.92
N VAL A 438 0.41 16.96 31.72
CA VAL A 438 1.19 17.68 32.73
C VAL A 438 1.13 19.18 32.43
N VAL A 439 1.31 19.99 33.47
CA VAL A 439 1.31 21.45 33.37
C VAL A 439 2.31 21.87 34.40
N LYS A 440 2.53 23.16 34.53
CA LYS A 440 3.44 23.72 35.54
C LYS A 440 2.64 24.12 36.83
N LYS A 441 3.23 23.97 38.02
CA LYS A 441 2.54 24.31 39.25
C LYS A 441 2.36 25.80 39.21
N ALA A 442 3.02 26.39 38.23
CA ALA A 442 2.94 27.81 37.96
C ALA A 442 1.52 28.01 37.45
N ASN A 443 0.98 27.00 36.77
CA ASN A 443 -0.38 27.07 36.23
C ASN A 443 -1.46 26.71 37.24
N GLU A 444 -1.77 27.72 38.06
CA GLU A 444 -2.81 27.66 39.08
C GLU A 444 -4.06 28.48 38.56
N GLY A 445 -4.87 27.76 37.78
CA GLY A 445 -6.08 28.25 37.14
C GLY A 445 -6.33 27.25 36.03
N LEU A 446 -5.71 26.08 36.19
CA LEU A 446 -5.83 24.97 35.26
C LEU A 446 -5.83 23.60 36.00
N THR A 447 -6.88 22.84 35.69
CA THR A 447 -7.24 21.47 36.14
C THR A 447 -8.22 21.13 34.98
N TRP A 448 -8.17 19.92 34.42
CA TRP A 448 -9.01 19.56 33.27
C TRP A 448 -10.26 20.42 33.09
N ASN A 449 -10.96 20.68 34.20
CA ASN A 449 -12.17 21.51 34.23
C ASN A 449 -12.01 22.80 33.41
N SER A 450 -10.90 23.50 33.67
CA SER A 450 -10.59 24.77 33.04
C SER A 450 -9.71 24.77 31.75
N LEU A 451 -9.78 23.73 30.93
CA LEU A 451 -8.95 23.67 29.73
C LEU A 451 -9.29 24.34 28.40
N LYS A 452 -10.55 24.70 28.15
CA LYS A 452 -10.94 25.33 26.87
C LYS A 452 -10.41 26.75 26.62
N GLY A 453 -9.71 26.96 25.50
CA GLY A 453 -9.20 28.28 25.20
C GLY A 453 -7.77 28.51 25.62
N LYS A 454 -7.21 27.62 26.43
CA LYS A 454 -5.82 27.70 26.88
C LYS A 454 -5.07 27.03 25.74
N LYS A 455 -3.74 27.03 25.76
CA LYS A 455 -2.97 26.40 24.69
C LYS A 455 -2.80 24.90 24.89
N SER A 456 -2.27 24.23 23.86
CA SER A 456 -2.08 22.78 23.89
C SER A 456 -0.75 22.27 23.38
N CYS A 457 -0.58 20.98 23.56
CA CYS A 457 0.58 20.32 23.09
C CYS A 457 0.24 18.87 22.96
N HIS A 458 0.55 18.38 21.78
CA HIS A 458 0.30 17.03 21.37
C HIS A 458 1.41 16.41 20.51
N THR A 459 2.00 15.37 21.10
CA THR A 459 3.10 14.59 20.52
C THR A 459 3.07 14.55 18.99
N ALA A 460 2.38 13.57 18.44
CA ALA A 460 2.24 13.42 17.02
C ALA A 460 0.75 13.41 16.86
N VAL A 461 0.27 13.55 15.62
CA VAL A 461 -1.18 13.59 15.29
C VAL A 461 -2.07 12.37 14.85
N ASP A 462 -2.54 11.72 15.92
CA ASP A 462 -3.50 10.52 16.02
C ASP A 462 -3.46 9.62 17.25
N ARG A 463 -2.14 9.86 17.66
CA ARG A 463 -1.54 8.83 18.73
C ARG A 463 -2.16 8.63 20.00
N THR A 464 -1.52 7.93 20.91
CA THR A 464 -2.18 7.92 22.21
C THR A 464 -2.25 9.19 23.16
N ALA A 465 -1.35 9.24 24.14
CA ALA A 465 -1.33 10.31 25.13
C ALA A 465 -1.30 11.73 24.62
N GLY A 466 -0.78 11.89 23.41
CA GLY A 466 -0.73 13.20 22.84
C GLY A 466 -1.85 13.48 21.86
N TRP A 467 -2.95 12.72 21.91
CA TRP A 467 -4.12 12.95 21.04
C TRP A 467 -5.37 12.14 21.23
N ASN A 468 -5.26 10.86 20.94
CA ASN A 468 -6.37 9.94 21.05
C ASN A 468 -7.06 10.11 22.37
N ILE A 469 -6.31 9.91 23.46
CA ILE A 469 -6.87 10.04 24.78
C ILE A 469 -7.24 11.45 25.15
N PRO A 470 -6.54 12.44 24.60
CA PRO A 470 -6.82 13.84 24.86
C PRO A 470 -7.99 14.32 23.99
N MET A 471 -7.80 14.31 22.67
CA MET A 471 -8.85 14.74 21.73
C MET A 471 -9.98 13.73 21.63
N GLY A 472 -9.79 12.59 22.33
CA GLY A 472 -10.75 11.51 22.40
C GLY A 472 -11.25 11.41 23.82
N LEU A 473 -11.11 12.52 24.52
CA LEU A 473 -11.56 12.68 25.90
C LEU A 473 -12.15 14.08 25.94
N ILE A 474 -11.65 14.92 25.05
CA ILE A 474 -12.14 16.27 24.94
C ILE A 474 -13.32 16.28 23.98
N ALA A 475 -13.80 15.07 23.65
CA ALA A 475 -14.94 14.88 22.78
C ALA A 475 -16.06 14.10 23.51
N ASN A 476 -15.69 13.29 24.49
CA ASN A 476 -16.68 12.50 25.24
C ASN A 476 -17.50 13.41 26.18
N GLN A 477 -16.90 14.41 26.79
CA GLN A 477 -17.71 15.34 27.63
C GLN A 477 -18.42 16.30 26.67
N THR A 478 -17.57 17.03 25.95
CA THR A 478 -17.93 18.06 24.97
C THR A 478 -19.15 17.82 24.09
N GLY A 479 -18.93 17.08 23.00
CA GLY A 479 -19.98 16.77 22.05
C GLY A 479 -19.50 17.12 20.66
N SER A 480 -18.94 18.32 20.53
CA SER A 480 -18.41 18.80 19.26
C SER A 480 -16.99 18.25 18.84
N CYS A 481 -16.92 17.67 17.62
CA CYS A 481 -15.71 17.07 16.99
C CYS A 481 -14.46 17.93 16.85
N ALA A 482 -14.59 19.01 16.06
CA ALA A 482 -13.52 19.98 15.79
C ALA A 482 -12.57 20.22 16.97
N PHE A 483 -11.49 19.44 16.99
CA PHE A 483 -10.52 19.46 18.07
C PHE A 483 -9.71 20.74 18.29
N ASP A 484 -9.46 21.44 17.20
CA ASP A 484 -8.70 22.69 17.16
C ASP A 484 -9.30 23.88 17.92
N GLU A 485 -10.61 23.82 18.10
CA GLU A 485 -11.35 24.89 18.76
C GLU A 485 -11.23 24.90 20.31
N PHE A 486 -11.29 23.71 20.97
CA PHE A 486 -11.20 23.60 22.45
C PHE A 486 -9.97 24.33 23.01
N PHE A 487 -8.89 24.29 22.22
CA PHE A 487 -7.62 24.91 22.55
C PHE A 487 -7.27 26.13 21.71
N SER A 488 -6.79 27.17 22.42
CA SER A 488 -6.38 28.50 21.90
C SER A 488 -5.57 28.56 20.60
N GLN A 489 -4.41 27.92 20.66
CA GLN A 489 -3.45 27.78 19.56
C GLN A 489 -2.60 26.60 20.03
N SER A 490 -2.48 25.58 19.22
CA SER A 490 -1.72 24.43 19.61
C SER A 490 -0.61 24.07 18.59
N CYS A 491 0.14 23.02 18.93
CA CYS A 491 1.17 22.50 18.07
C CYS A 491 0.76 21.03 17.92
N ALA A 492 0.44 20.69 16.69
CA ALA A 492 0.00 19.35 16.32
C ALA A 492 0.86 18.94 15.13
N PRO A 493 1.96 18.25 15.41
CA PRO A 493 2.88 17.78 14.36
C PRO A 493 2.29 16.65 13.47
N GLY A 494 1.55 17.02 12.42
CA GLY A 494 0.96 16.04 11.51
C GLY A 494 -0.31 16.41 10.74
N ALA A 495 -1.04 17.41 11.25
CA ALA A 495 -2.30 17.88 10.68
C ALA A 495 -2.21 19.22 9.92
N ASP A 496 -3.38 19.73 9.51
CA ASP A 496 -3.51 20.99 8.77
C ASP A 496 -2.56 22.00 9.36
N PRO A 497 -1.56 22.40 8.59
CA PRO A 497 -0.49 23.35 8.91
C PRO A 497 -0.81 24.80 9.27
N LYS A 498 -1.71 25.37 8.49
CA LYS A 498 -2.15 26.78 8.62
C LYS A 498 -3.31 26.98 9.63
N SER A 499 -3.50 25.97 10.50
CA SER A 499 -4.55 25.94 11.51
C SER A 499 -4.07 26.39 12.88
N SER A 500 -4.97 26.40 13.87
CA SER A 500 -4.59 26.73 15.24
C SER A 500 -3.89 25.51 15.86
N LEU A 501 -3.69 24.47 15.06
CA LEU A 501 -3.03 23.24 15.47
C LEU A 501 -1.52 23.23 15.27
N CYS A 502 -1.05 23.81 14.19
CA CYS A 502 0.37 23.88 13.91
C CYS A 502 0.74 25.31 14.06
N ALA A 503 -0.25 26.03 14.58
CA ALA A 503 -0.21 27.45 14.82
C ALA A 503 0.71 27.72 15.95
N LEU A 504 1.30 26.67 16.49
CA LEU A 504 2.19 26.85 17.63
C LEU A 504 3.47 25.98 17.59
N CYS A 505 3.87 25.47 16.42
CA CYS A 505 5.08 24.67 16.40
C CYS A 505 6.33 25.51 16.08
N ALA A 506 7.48 24.83 15.95
CA ALA A 506 8.78 25.47 15.66
C ALA A 506 9.54 24.90 14.48
N GLY A 507 9.30 23.63 14.20
CA GLY A 507 9.99 23.00 13.11
C GLY A 507 11.42 22.80 13.51
N ASP A 508 12.35 22.85 12.56
CA ASP A 508 13.78 22.67 12.90
C ASP A 508 14.32 23.88 13.63
N ASP A 509 15.61 24.17 13.39
CA ASP A 509 16.31 25.29 14.01
C ASP A 509 16.23 26.63 13.16
N GLN A 510 16.21 26.48 11.83
CA GLN A 510 16.13 27.59 10.87
C GLN A 510 14.74 28.25 11.01
N GLY A 511 13.78 27.44 11.49
CA GLY A 511 12.38 27.84 11.69
C GLY A 511 11.47 26.95 10.88
N LEU A 512 12.04 26.42 9.79
CA LEU A 512 11.41 25.54 8.81
C LEU A 512 10.67 24.39 9.43
N ASP A 513 9.99 23.65 8.55
CA ASP A 513 9.18 22.49 8.93
C ASP A 513 8.35 22.73 10.17
N LYS A 514 7.67 23.89 10.24
CA LYS A 514 6.87 24.18 11.40
C LYS A 514 5.83 23.09 11.36
N CYS A 515 5.54 22.50 12.51
CA CYS A 515 4.54 21.42 12.60
C CYS A 515 4.80 20.25 11.65
N VAL A 516 5.43 19.19 12.17
CA VAL A 516 5.72 18.03 11.34
C VAL A 516 5.81 16.69 12.10
N PRO A 517 5.06 15.64 11.63
CA PRO A 517 5.08 14.29 12.26
C PRO A 517 6.45 13.57 12.12
N ASN A 518 7.52 14.37 11.97
CA ASN A 518 8.88 13.86 11.94
C ASN A 518 9.71 14.82 12.82
N SER A 519 10.17 14.21 13.90
CA SER A 519 10.96 14.78 14.97
C SER A 519 11.70 16.08 14.79
N LYS A 520 12.07 16.42 13.56
CA LYS A 520 12.78 17.69 13.37
C LYS A 520 11.86 18.76 13.92
N GLU A 521 10.56 18.44 13.92
CA GLU A 521 9.55 19.31 14.48
C GLU A 521 9.87 19.31 15.98
N LYS A 522 10.66 20.31 16.37
CA LYS A 522 11.14 20.49 17.73
C LYS A 522 10.12 20.08 18.79
N TYR A 523 8.89 20.53 18.63
CA TYR A 523 7.90 20.14 19.62
C TYR A 523 7.02 18.92 19.21
N TYR A 524 7.72 17.88 18.72
CA TYR A 524 7.15 16.60 18.27
C TYR A 524 7.70 15.38 19.06
N GLY A 525 6.80 14.49 19.51
CA GLY A 525 7.20 13.31 20.25
C GLY A 525 6.78 13.41 21.72
N TYR A 526 7.01 12.36 22.53
CA TYR A 526 6.67 12.36 23.98
C TYR A 526 7.60 13.35 24.65
N THR A 527 8.83 13.41 24.16
CA THR A 527 9.86 14.31 24.66
C THR A 527 9.88 15.62 23.84
N GLY A 528 9.39 15.59 22.61
CA GLY A 528 9.40 16.80 21.83
C GLY A 528 8.29 17.72 22.30
N ALA A 529 7.09 17.13 22.49
CA ALA A 529 5.84 17.80 22.94
C ALA A 529 5.71 17.91 24.46
N PHE A 530 6.84 17.66 25.17
CA PHE A 530 7.02 17.76 26.64
C PHE A 530 7.92 18.98 26.79
N ARG A 531 8.50 19.39 25.69
CA ARG A 531 9.32 20.55 25.63
C ARG A 531 8.27 21.65 25.49
N CYS A 532 7.21 21.33 24.77
CA CYS A 532 6.10 22.24 24.45
C CYS A 532 5.55 22.99 25.63
N LEU A 533 5.46 22.30 26.77
CA LEU A 533 5.03 22.90 28.03
C LEU A 533 6.33 23.20 28.80
N ALA A 534 7.42 22.60 28.37
CA ALA A 534 8.68 22.81 29.03
C ALA A 534 9.49 23.93 28.45
N GLU A 535 8.85 24.87 27.78
CA GLU A 535 9.54 26.05 27.22
C GLU A 535 8.50 27.15 26.96
N ASP A 536 7.52 27.04 27.87
CA ASP A 536 6.32 27.81 28.01
C ASP A 536 5.54 28.18 26.78
N VAL A 537 5.72 27.34 25.77
CA VAL A 537 5.06 27.45 24.48
C VAL A 537 3.57 27.22 24.72
N GLY A 538 3.27 26.34 25.67
CA GLY A 538 1.88 26.06 25.97
C GLY A 538 1.52 25.94 27.43
N ASP A 539 0.21 25.93 27.70
CA ASP A 539 -0.31 25.77 29.05
C ASP A 539 -0.20 24.27 29.43
N VAL A 540 -0.29 23.38 28.43
CA VAL A 540 -0.22 21.90 28.61
C VAL A 540 0.44 21.16 27.42
N ALA A 541 0.99 19.97 27.69
CA ALA A 541 1.64 19.16 26.67
C ALA A 541 1.37 17.68 26.94
N PHE A 542 0.24 17.20 26.46
CA PHE A 542 -0.16 15.80 26.70
C PHE A 542 0.98 14.84 26.52
N VAL A 543 1.33 14.14 27.63
CA VAL A 543 2.46 13.19 27.67
C VAL A 543 2.22 11.74 28.18
N LYS A 544 3.32 10.98 28.32
CA LYS A 544 3.37 9.63 28.88
C LYS A 544 4.09 9.90 30.22
N ASN A 545 3.53 9.45 31.34
CA ASN A 545 4.14 9.69 32.67
C ASN A 545 5.63 9.87 32.68
N ASP A 546 6.26 8.95 31.96
CA ASP A 546 7.70 8.87 31.84
C ASP A 546 8.38 10.01 31.05
N THR A 547 7.64 10.88 30.37
CA THR A 547 8.33 11.94 29.68
C THR A 547 8.61 13.15 30.54
N VAL A 548 7.82 13.38 31.61
CA VAL A 548 8.02 14.51 32.58
C VAL A 548 9.12 14.09 33.50
N TRP A 549 9.25 12.78 33.62
CA TRP A 549 10.24 12.10 34.45
C TRP A 549 11.67 11.99 33.84
N GLU A 550 11.74 11.71 32.54
CA GLU A 550 13.01 11.52 31.83
C GLU A 550 13.39 12.63 30.84
N ASN A 551 13.55 13.84 31.38
CA ASN A 551 13.95 15.03 30.65
C ASN A 551 14.06 16.18 31.66
N THR A 552 14.09 15.84 32.96
CA THR A 552 14.23 16.77 34.12
C THR A 552 14.89 16.09 35.39
N ASN A 553 15.22 16.88 36.42
CA ASN A 553 15.86 16.39 37.68
C ASN A 553 17.27 15.83 37.47
N GLY A 554 17.93 16.27 36.39
CA GLY A 554 19.27 15.84 36.02
C GLY A 554 19.28 14.49 35.30
N GLU A 555 18.60 14.38 34.14
CA GLU A 555 18.49 13.11 33.39
C GLU A 555 18.68 13.06 31.86
N SER A 556 18.60 14.20 31.17
CA SER A 556 18.70 14.25 29.70
C SER A 556 20.12 14.32 29.13
N SER A 557 20.58 15.57 29.14
CA SER A 557 21.87 16.04 28.55
C SER A 557 21.94 17.44 28.49
N ALA A 558 20.71 17.63 27.91
CA ALA A 558 19.98 18.78 27.38
C ALA A 558 19.88 20.05 28.10
N ASP A 559 20.27 21.12 27.39
CA ASP A 559 20.07 22.29 28.13
C ASP A 559 18.67 22.77 28.50
N TRP A 560 17.67 22.05 28.04
CA TRP A 560 16.31 22.40 28.36
C TRP A 560 15.76 21.40 29.35
N ALA A 561 16.10 20.13 29.08
CA ALA A 561 15.64 19.00 29.86
C ALA A 561 16.60 18.71 30.98
N LYS A 562 17.13 19.77 31.58
CA LYS A 562 18.07 19.66 32.68
C LYS A 562 17.68 20.57 33.88
N ASN A 563 17.92 21.88 33.80
CA ASN A 563 17.59 22.77 34.94
C ASN A 563 16.14 22.65 35.48
N LEU A 564 15.28 21.99 34.71
CA LEU A 564 13.91 21.80 35.12
C LEU A 564 13.88 20.97 36.43
N ASN A 565 12.82 21.17 37.22
CA ASN A 565 12.57 20.42 38.46
C ASN A 565 11.24 19.76 38.04
N ARG A 566 11.20 18.43 38.02
CA ARG A 566 9.98 17.72 37.65
C ARG A 566 8.86 18.19 38.56
N GLU A 567 9.20 18.41 39.83
CA GLU A 567 8.26 18.84 40.87
C GLU A 567 7.93 20.31 40.75
N ASP A 568 7.97 20.82 39.51
CA ASP A 568 7.61 22.18 39.15
C ASP A 568 6.30 21.97 38.38
N PHE A 569 6.09 20.73 37.91
CA PHE A 569 4.92 20.26 37.09
C PHE A 569 3.89 19.33 37.73
N ARG A 570 2.62 19.76 37.70
CA ARG A 570 1.45 19.05 38.24
C ARG A 570 0.81 18.22 37.14
N LEU A 571 0.18 17.11 37.51
CA LEU A 571 -0.48 16.25 36.53
C LEU A 571 -2.00 16.42 36.39
N LEU A 572 -2.51 17.37 35.60
CA LEU A 572 -3.97 17.60 35.42
C LEU A 572 -4.77 16.33 35.44
N CYS A 573 -5.56 16.15 36.49
CA CYS A 573 -6.34 14.94 36.63
C CYS A 573 -7.75 15.01 36.18
N LEU A 574 -8.39 13.87 36.29
CA LEU A 574 -9.74 13.77 35.84
C LEU A 574 -10.94 14.30 36.60
N ASP A 575 -10.81 14.69 37.88
CA ASP A 575 -11.99 15.27 38.60
C ASP A 575 -11.81 16.71 38.99
N GLY A 576 -11.07 17.40 38.13
CA GLY A 576 -10.78 18.78 38.37
C GLY A 576 -9.91 18.82 39.61
N THR A 577 -8.90 17.94 39.65
CA THR A 577 -7.98 17.91 40.77
C THR A 577 -6.59 18.13 40.23
N THR A 578 -5.58 18.03 41.08
CA THR A 578 -4.20 18.26 40.65
C THR A 578 -3.22 17.54 41.63
N LYS A 579 -2.31 16.72 41.06
CA LYS A 579 -1.29 15.92 41.79
C LYS A 579 0.15 16.14 41.20
N PRO A 580 1.24 15.98 42.01
CA PRO A 580 2.58 16.21 41.43
C PRO A 580 2.93 15.26 40.29
N VAL A 581 4.05 15.49 39.59
CA VAL A 581 4.46 14.60 38.49
C VAL A 581 4.60 13.21 39.08
N THR A 582 4.74 13.23 40.39
CA THR A 582 4.87 12.09 41.25
C THR A 582 3.65 11.16 41.17
N GLU A 583 2.52 11.62 41.72
CA GLU A 583 1.24 10.92 41.82
C GLU A 583 0.56 10.75 40.50
N ALA A 584 1.25 10.16 39.55
CA ALA A 584 0.70 9.93 38.23
C ALA A 584 0.08 8.56 38.28
N GLN A 585 -0.11 8.03 39.48
CA GLN A 585 -0.66 6.70 39.62
C GLN A 585 -2.19 6.67 39.65
N SER A 586 -2.79 7.51 40.47
CA SER A 586 -4.23 7.56 40.54
C SER A 586 -4.63 8.47 39.41
N CYS A 587 -3.65 9.22 38.96
CA CYS A 587 -3.89 10.20 37.96
C CYS A 587 -3.18 9.90 36.70
N TYR A 588 -3.98 9.98 35.64
CA TYR A 588 -3.64 9.75 34.23
C TYR A 588 -4.99 9.73 33.61
N LEU A 589 -5.13 10.39 32.48
CA LEU A 589 -6.40 10.38 31.79
C LEU A 589 -6.82 8.90 31.57
N ALA A 590 -5.81 8.07 31.24
CA ALA A 590 -5.96 6.64 30.97
C ALA A 590 -4.68 5.81 30.70
N VAL A 591 -4.68 4.56 31.17
CA VAL A 591 -3.58 3.60 30.97
C VAL A 591 -3.62 3.05 29.49
N ALA A 592 -2.45 2.85 28.89
CA ALA A 592 -2.42 2.38 27.49
C ALA A 592 -1.27 1.40 27.07
N PRO A 593 -1.44 0.64 25.93
CA PRO A 593 -0.29 -0.23 25.64
C PRO A 593 0.77 0.40 24.74
N ASN A 594 1.97 -0.04 25.04
CA ASN A 594 3.20 0.31 24.36
C ASN A 594 3.00 0.12 22.87
N HIS A 595 3.99 0.59 22.10
CA HIS A 595 4.04 0.59 20.63
C HIS A 595 4.59 -0.68 19.92
N ALA A 596 3.73 -1.41 19.21
CA ALA A 596 4.22 -2.61 18.55
C ALA A 596 4.53 -2.27 17.11
N VAL A 597 5.30 -3.17 16.47
CA VAL A 597 5.81 -3.11 15.07
C VAL A 597 4.74 -3.65 14.07
N VAL A 598 4.61 -3.06 12.89
CA VAL A 598 3.59 -3.54 11.95
C VAL A 598 4.03 -3.84 10.51
N SER A 599 3.79 -5.07 10.10
CA SER A 599 4.09 -5.60 8.76
C SER A 599 2.92 -6.46 8.35
N ARG A 600 2.75 -6.67 7.04
CA ARG A 600 1.64 -7.48 6.52
C ARG A 600 1.73 -8.96 6.96
N SER A 601 0.59 -9.58 7.25
CA SER A 601 0.54 -10.96 7.74
C SER A 601 1.10 -12.05 6.80
N ASP A 602 2.12 -11.68 6.05
CA ASP A 602 2.83 -12.61 5.22
C ASP A 602 4.28 -12.25 5.44
N ARG A 603 4.42 -11.04 5.99
CA ARG A 603 5.69 -10.48 6.38
C ARG A 603 5.78 -10.41 7.90
N ALA A 604 4.71 -10.84 8.56
CA ALA A 604 4.65 -10.87 10.00
C ALA A 604 5.78 -11.81 10.40
N ALA A 605 5.44 -13.10 10.54
CA ALA A 605 6.35 -14.20 10.95
C ALA A 605 7.91 -14.14 10.80
N HIS A 606 8.46 -13.27 9.97
CA HIS A 606 9.92 -13.17 9.84
C HIS A 606 10.52 -11.97 10.60
N VAL A 607 9.77 -10.86 10.64
CA VAL A 607 10.20 -9.63 11.36
C VAL A 607 10.11 -9.89 12.89
N GLU A 608 9.49 -11.01 13.24
CA GLU A 608 9.36 -11.47 14.60
C GLU A 608 10.74 -12.07 14.86
N GLN A 609 11.13 -13.01 14.01
CA GLN A 609 12.39 -13.71 14.15
C GLN A 609 13.72 -13.02 13.87
N VAL A 610 13.69 -11.79 13.46
CA VAL A 610 14.93 -11.07 13.29
C VAL A 610 15.01 -10.15 14.51
N LEU A 611 13.91 -9.49 14.81
CA LEU A 611 13.88 -8.62 15.93
C LEU A 611 13.93 -9.46 17.19
N LEU A 612 13.54 -10.72 17.14
CA LEU A 612 13.67 -11.52 18.36
C LEU A 612 15.16 -11.92 18.40
N HIS A 613 15.98 -11.11 17.73
CA HIS A 613 17.43 -11.30 17.67
C HIS A 613 18.22 -10.03 18.00
N GLN A 614 17.90 -8.94 17.31
CA GLN A 614 18.53 -7.63 17.50
C GLN A 614 18.11 -6.88 18.81
N GLN A 615 17.10 -7.39 19.51
CA GLN A 615 16.68 -6.79 20.77
C GLN A 615 17.48 -7.55 21.80
N ALA A 616 18.31 -8.46 21.30
CA ALA A 616 19.16 -9.34 22.08
C ALA A 616 20.69 -9.37 21.76
N LEU A 617 21.21 -8.36 21.07
CA LEU A 617 22.66 -8.25 20.78
C LEU A 617 22.91 -6.79 21.16
N PHE A 618 22.10 -5.95 20.53
CA PHE A 618 22.11 -4.54 20.76
C PHE A 618 20.80 -4.41 21.54
N GLY A 619 20.53 -5.33 22.45
CA GLY A 619 19.32 -5.25 23.26
C GLY A 619 19.79 -4.74 24.61
N LYS A 620 18.96 -4.32 25.55
CA LYS A 620 19.58 -3.83 26.79
C LYS A 620 20.46 -4.85 27.54
N ASN A 621 20.20 -6.14 27.34
CA ASN A 621 21.02 -7.23 27.91
C ASN A 621 21.98 -7.69 26.81
N GLY A 622 21.93 -6.98 25.68
CA GLY A 622 22.77 -7.27 24.54
C GLY A 622 24.23 -7.38 24.90
N LYS A 623 24.85 -8.39 24.32
CA LYS A 623 26.27 -8.68 24.50
C LYS A 623 27.02 -7.46 23.93
N ASN A 624 26.42 -6.93 22.86
CA ASN A 624 26.86 -5.79 22.04
C ASN A 624 25.94 -4.61 22.22
N CYS A 625 25.49 -4.30 23.43
CA CYS A 625 24.61 -3.16 23.54
C CYS A 625 25.25 -1.92 24.19
N PRO A 626 25.60 -1.95 25.52
CA PRO A 626 26.21 -0.68 25.95
C PRO A 626 27.58 -0.45 25.26
N ASP A 627 28.33 -1.54 24.99
CA ASP A 627 29.62 -1.44 24.31
C ASP A 627 29.45 -1.35 22.78
N LYS A 628 29.42 -2.45 22.02
CA LYS A 628 29.27 -2.32 20.57
C LYS A 628 28.12 -1.42 20.09
N PHE A 629 26.90 -1.67 20.58
CA PHE A 629 25.70 -0.90 20.21
C PHE A 629 24.36 -1.23 20.91
N CYS A 630 23.69 -0.20 21.44
CA CYS A 630 22.38 -0.36 22.08
C CYS A 630 21.21 0.19 21.17
N LEU A 631 20.50 -0.79 20.57
CA LEU A 631 19.34 -0.68 19.64
C LEU A 631 18.13 0.07 20.19
N PHE A 632 18.17 0.42 21.47
CA PHE A 632 17.09 1.11 22.12
C PHE A 632 17.52 2.53 22.52
N LYS A 633 18.82 2.73 22.78
CA LYS A 633 19.34 4.06 23.20
C LYS A 633 19.48 5.17 22.12
N SER A 634 19.08 6.40 22.50
CA SER A 634 19.08 7.56 21.58
C SER A 634 18.97 9.03 22.13
N GLU A 635 19.90 9.46 23.02
CA GLU A 635 19.97 10.83 23.64
C GLU A 635 18.75 11.73 23.88
N THR A 636 17.74 11.16 24.55
CA THR A 636 16.46 11.78 24.90
C THR A 636 15.62 12.38 23.78
N LYS A 637 15.74 11.76 22.61
CA LYS A 637 15.00 12.18 21.42
C LYS A 637 14.17 10.95 21.02
N ASN A 638 14.79 9.76 21.18
CA ASN A 638 14.22 8.40 20.91
C ASN A 638 13.99 7.88 19.42
N LEU A 639 15.05 7.78 18.60
CA LEU A 639 14.97 7.34 17.18
C LEU A 639 14.73 5.86 16.94
N LEU A 640 13.46 5.55 16.62
CA LEU A 640 12.84 4.24 16.30
C LEU A 640 12.14 3.52 17.53
N PHE A 641 12.88 3.36 18.64
CA PHE A 641 12.45 2.68 19.90
C PHE A 641 12.41 3.52 21.21
N ASN A 642 11.45 3.17 22.08
CA ASN A 642 11.26 3.82 23.38
C ASN A 642 12.64 3.82 24.06
N ASP A 643 13.32 4.98 24.17
CA ASP A 643 14.64 5.08 24.87
C ASP A 643 14.49 4.26 26.15
N ASN A 644 13.22 4.17 26.51
CA ASN A 644 12.70 3.50 27.68
C ASN A 644 12.66 1.95 27.53
N THR A 645 11.98 1.47 26.50
CA THR A 645 11.83 0.02 26.31
C THR A 645 13.05 -0.81 26.57
N GLU A 646 12.80 -1.92 27.24
CA GLU A 646 13.81 -2.91 27.60
C GLU A 646 14.00 -3.90 26.45
N CYS A 647 12.88 -4.52 26.07
CA CYS A 647 12.91 -5.54 25.04
C CYS A 647 11.85 -5.35 23.96
N LEU A 648 11.46 -6.46 23.33
CA LEU A 648 10.45 -6.50 22.29
C LEU A 648 9.72 -7.74 22.65
N ALA A 649 8.72 -7.55 23.47
CA ALA A 649 7.96 -8.65 23.97
C ALA A 649 7.22 -9.43 22.95
N LYS A 650 6.86 -10.61 23.41
CA LYS A 650 6.09 -11.57 22.67
C LYS A 650 4.71 -11.10 23.04
N LEU A 651 3.87 -10.93 22.01
CA LEU A 651 2.47 -10.53 22.19
C LEU A 651 1.60 -11.78 22.28
N GLY A 652 2.03 -12.87 21.65
CA GLY A 652 1.28 -14.11 21.71
C GLY A 652 0.16 -14.13 20.70
N GLY A 653 -0.63 -15.22 20.68
CA GLY A 653 -1.75 -15.37 19.73
C GLY A 653 -1.43 -14.69 18.41
N ARG A 654 -2.45 -14.18 17.72
CA ARG A 654 -2.25 -13.46 16.47
C ARG A 654 -3.07 -12.15 16.46
N PRO A 655 -3.35 -11.55 17.66
CA PRO A 655 -4.13 -10.32 17.92
C PRO A 655 -4.17 -9.25 16.83
N THR A 656 -5.32 -9.18 16.16
CA THR A 656 -5.57 -8.24 15.06
C THR A 656 -5.15 -6.81 15.48
N TYR A 657 -5.29 -5.85 14.58
CA TYR A 657 -4.98 -4.48 14.96
C TYR A 657 -5.82 -4.23 16.25
N GLU A 658 -7.15 -4.46 16.16
CA GLU A 658 -8.16 -4.29 17.23
C GLU A 658 -7.82 -4.87 18.60
N LYS A 659 -7.64 -6.20 18.63
CA LYS A 659 -7.33 -6.96 19.85
C LYS A 659 -5.94 -6.71 20.45
N TYR A 660 -5.18 -5.83 19.82
CA TYR A 660 -3.89 -5.49 20.33
C TYR A 660 -4.03 -4.24 21.20
N LEU A 661 -4.78 -3.25 20.70
CA LEU A 661 -5.03 -1.92 21.31
C LEU A 661 -5.73 -1.79 22.65
N GLY A 662 -6.49 -2.84 22.96
CA GLY A 662 -7.37 -2.84 24.11
C GLY A 662 -8.66 -2.79 23.30
N THR A 663 -9.78 -3.28 23.81
CA THR A 663 -10.96 -3.20 22.96
C THR A 663 -11.66 -1.91 23.22
N GLU A 664 -11.79 -1.61 24.52
CA GLU A 664 -12.44 -0.40 24.95
C GLU A 664 -11.79 0.73 24.19
N TYR A 665 -10.47 0.77 24.25
CA TYR A 665 -9.76 1.82 23.56
C TYR A 665 -9.99 1.78 22.03
N VAL A 666 -10.26 0.61 21.45
CA VAL A 666 -10.46 0.51 20.02
C VAL A 666 -11.72 1.14 19.57
N THR A 667 -12.73 1.09 20.43
CA THR A 667 -14.03 1.69 20.12
C THR A 667 -13.91 3.23 20.26
N ALA A 668 -12.70 3.68 20.61
CA ALA A 668 -12.38 5.10 20.80
C ALA A 668 -11.78 5.73 19.55
N ILE A 669 -10.94 4.98 18.83
CA ILE A 669 -10.31 5.49 17.63
C ILE A 669 -11.35 5.63 16.51
N ALA A 670 -12.06 4.54 16.28
CA ALA A 670 -13.09 4.49 15.25
C ALA A 670 -14.10 5.63 15.29
N ASN A 671 -14.56 5.96 16.51
CA ASN A 671 -15.57 7.00 16.82
C ASN A 671 -14.99 8.41 16.77
N LEU A 672 -13.68 8.47 16.84
CA LEU A 672 -12.94 9.72 16.80
C LEU A 672 -12.69 10.01 15.32
N LYS A 673 -12.18 9.00 14.62
CA LYS A 673 -11.90 9.16 13.22
C LYS A 673 -13.18 9.41 12.37
N LYS A 674 -14.34 9.55 13.04
CA LYS A 674 -15.60 9.88 12.34
C LYS A 674 -15.56 11.40 12.05
N CYS A 675 -14.52 12.08 12.61
CA CYS A 675 -14.27 13.54 12.49
C CYS A 675 -13.12 14.02 11.51
N SER A 676 -12.11 13.20 11.20
CA SER A 676 -11.04 13.57 10.23
C SER A 676 -10.61 12.32 9.42
N THR A 677 -10.85 12.33 8.09
CA THR A 677 -10.55 11.21 7.16
C THR A 677 -9.18 11.14 6.43
N SER A 678 -8.27 10.37 6.99
CA SER A 678 -6.92 10.17 6.45
C SER A 678 -6.94 9.43 5.09
N PRO A 679 -6.16 9.91 4.10
CA PRO A 679 -6.13 9.24 2.80
C PRO A 679 -5.47 7.87 2.78
N LEU A 680 -4.69 7.54 3.79
CA LEU A 680 -4.06 6.21 3.83
C LEU A 680 -5.07 5.17 4.27
N LEU A 681 -6.18 5.65 4.84
CA LEU A 681 -7.31 4.84 5.31
C LEU A 681 -8.39 4.85 4.20
N GLU A 682 -8.16 5.71 3.21
CA GLU A 682 -9.02 5.85 2.05
C GLU A 682 -8.73 4.69 1.09
N ALA A 683 -7.49 4.55 0.63
CA ALA A 683 -7.08 3.47 -0.32
C ALA A 683 -6.28 2.27 0.26
N CYS A 684 -6.68 1.88 1.47
CA CYS A 684 -6.11 0.76 2.20
C CYS A 684 -7.18 -0.33 2.36
N ALA A 685 -8.44 0.12 2.43
CA ALA A 685 -9.70 -0.69 2.54
C ALA A 685 -10.41 -0.54 1.17
N PHE A 686 -9.56 -0.66 0.16
CA PHE A 686 -9.85 -0.57 -1.25
C PHE A 686 -8.89 -1.64 -1.85
N LEU A 687 -7.87 -2.00 -1.06
CA LEU A 687 -6.85 -3.01 -1.39
C LEU A 687 -7.29 -4.47 -1.15
N THR A 688 -8.41 -4.63 -0.44
CA THR A 688 -9.03 -5.95 -0.19
C THR A 688 -10.04 -6.12 -1.38
N ARG A 689 -10.36 -4.96 -2.01
CA ARG A 689 -11.21 -4.76 -3.19
C ARG A 689 -12.50 -3.93 -3.12
FE FE B . -5.34 -8.67 -17.97
FE FE C . 1.73 5.18 22.30
#